data_4XZU
#
_entry.id   4XZU
#
_cell.length_a   43.229
_cell.length_b   148.492
_cell.length_c   188.417
_cell.angle_alpha   90.00
_cell.angle_beta   90.00
_cell.angle_gamma   90.00
#
_symmetry.space_group_name_H-M   'P 2 21 21'
#
loop_
_entity.id
_entity.type
_entity.pdbx_description
1 polymer '3E6 antibody Fab heavy chain'
2 polymer '3E6 antibody Fab light chain'
3 polymer 'Coagulation factor VIII'
4 non-polymer 'MAGNESIUM ION'
5 water water
#
loop_
_entity_poly.entity_id
_entity_poly.type
_entity_poly.pdbx_seq_one_letter_code
_entity_poly.pdbx_strand_id
1 'polypeptide(L)'
;QIQLVQSGPELKKPGKTVKISCKASDYTFTDYSLHWVKQAPGKGLKWMGWINTETGDPAYADDFKGRFAFSLETSVRTAY
LQINNLKNEDTAIYFCAREDDGLASWGQGTTLTVSSAKTTAPSVYPLAPVCGDTTGSSVTLGCLVKGYFPEPVTLTWNSG
SLSSGVHTFPAVLQSDLYTLSSSVTVTSSTWPSQSITCNVAHPASSTKVDKKIEPRGPA
;
A,E
2 'polypeptide(L)'
;QIVLTQSPAIMSASPGEKVTMTCSASSTVSYMYWYQQKPGSSPRFLISDTSNLASGVPVRFSGSGSGTSYSLTISRIEAE
DAATYYCQHWSSYPLTFGGGTKLELKRADAAPTVSIFPPSSEQLTSGGASVVCFLNNFYPKDINVKWKIDGSERQNGVLN
SWTDQDSKDSTYSMSSTLTLTKDEYERHNSYTCEATHSTSTSPIVKSFNRNEC
;
B,F
3 'polypeptide(L)'
;CSMPLGMESKAISDAQITASSYFTNMFATWSPSKARLHLQGRSNAWRPQVNNPKEWLQVDFQKTMKVTGVTTQGVKSLLT
SMYVKEFLISSSQDGHQWTLFFQNGKVKVFQGNQDSFTPVVNSLDPPLLTRYLRIHPQSWVHQIALRMEVLGCE
;
M,G
#
# COMPACT_ATOMS: atom_id res chain seq x y z
N ILE A 2 7.46 15.30 -16.80
CA ILE A 2 8.30 14.78 -17.88
C ILE A 2 7.46 14.28 -19.06
N GLN A 3 7.78 14.77 -20.25
CA GLN A 3 7.07 14.37 -21.47
C GLN A 3 8.01 13.93 -22.59
N LEU A 4 7.52 12.96 -23.36
CA LEU A 4 8.19 12.49 -24.58
C LEU A 4 7.16 12.51 -25.70
N VAL A 5 7.45 13.22 -26.78
CA VAL A 5 6.42 13.38 -27.80
C VAL A 5 6.84 12.73 -29.10
N GLN A 6 6.19 11.61 -29.42
CA GLN A 6 6.54 10.87 -30.61
C GLN A 6 5.80 11.47 -31.78
N SER A 7 6.27 11.19 -32.97
CA SER A 7 5.65 11.75 -34.14
C SER A 7 4.36 11.00 -34.45
N GLY A 8 3.68 11.40 -35.54
CA GLY A 8 2.34 10.94 -35.81
C GLY A 8 2.23 9.66 -36.63
N PRO A 9 0.99 9.15 -36.75
CA PRO A 9 0.61 7.90 -37.44
C PRO A 9 1.25 7.77 -38.81
N GLU A 10 1.61 6.55 -39.17
CA GLU A 10 2.22 6.36 -40.46
C GLU A 10 1.58 5.21 -41.21
N LEU A 11 1.29 5.47 -42.49
CA LEU A 11 0.90 4.43 -43.44
C LEU A 11 2.07 4.23 -44.41
N LYS A 12 2.56 3.00 -44.48
CA LYS A 12 3.72 2.71 -45.33
C LYS A 12 3.48 1.50 -46.22
N LYS A 13 4.12 1.51 -47.38
CA LYS A 13 4.05 0.38 -48.30
C LYS A 13 4.96 -0.75 -47.87
N PRO A 14 4.49 -2.00 -48.04
CA PRO A 14 5.33 -3.15 -47.71
C PRO A 14 6.65 -3.03 -48.40
N GLY A 15 7.76 -3.24 -47.69
CA GLY A 15 9.08 -3.15 -48.28
C GLY A 15 9.78 -1.79 -48.19
N LYS A 16 9.06 -0.76 -47.76
CA LYS A 16 9.65 0.57 -47.64
C LYS A 16 10.30 0.79 -46.27
N THR A 17 10.61 2.04 -45.95
CA THR A 17 11.26 2.38 -44.67
C THR A 17 10.50 3.49 -43.93
N VAL A 18 10.42 3.38 -42.62
CA VAL A 18 9.81 4.42 -41.84
C VAL A 18 10.76 4.89 -40.74
N LYS A 19 10.72 6.18 -40.41
CA LYS A 19 11.51 6.69 -39.31
C LYS A 19 10.62 7.47 -38.33
N ILE A 20 10.47 6.90 -37.14
CA ILE A 20 9.62 7.42 -36.09
C ILE A 20 10.47 8.17 -35.10
N SER A 21 10.02 9.31 -34.61
CA SER A 21 10.83 10.13 -33.71
C SER A 21 10.26 10.24 -32.29
N CYS A 22 11.10 10.67 -31.36
CA CYS A 22 10.74 10.72 -29.94
C CYS A 22 11.46 11.92 -29.29
N LYS A 23 10.73 13.02 -29.09
CA LYS A 23 11.35 14.25 -28.61
C LYS A 23 11.07 14.46 -27.14
N ALA A 24 12.09 14.96 -26.43
CA ALA A 24 12.00 15.11 -24.98
C ALA A 24 11.88 16.56 -24.58
N SER A 25 11.09 16.79 -23.53
CA SER A 25 10.73 18.12 -23.07
C SER A 25 11.92 18.89 -22.48
N ASP A 26 12.44 18.40 -21.34
CA ASP A 26 13.60 19.04 -20.67
C ASP A 26 14.90 18.65 -21.34
N TYR A 27 16.04 18.98 -20.72
CA TYR A 27 17.33 18.55 -21.30
C TYR A 27 18.07 17.52 -20.45
N THR A 28 17.57 17.21 -19.26
CA THR A 28 18.09 16.03 -18.59
C THR A 28 17.63 15.12 -19.73
N PHE A 29 18.58 14.79 -20.60
CA PHE A 29 18.30 13.94 -21.76
C PHE A 29 19.41 12.92 -21.98
N THR A 30 20.65 13.38 -21.93
CA THR A 30 21.79 12.48 -22.00
C THR A 30 22.03 11.87 -20.61
N ASP A 31 21.12 12.12 -19.69
CA ASP A 31 21.24 11.57 -18.35
C ASP A 31 20.45 10.26 -18.17
N TYR A 32 19.51 10.00 -19.08
CA TYR A 32 18.70 8.80 -18.94
C TYR A 32 18.64 8.03 -20.23
N SER A 33 18.55 6.71 -20.11
CA SER A 33 18.49 5.83 -21.28
C SER A 33 17.08 5.84 -21.86
N LEU A 34 16.97 5.52 -23.14
CA LEU A 34 15.70 5.48 -23.87
C LEU A 34 15.41 4.07 -24.37
N HIS A 35 14.16 3.65 -24.25
CA HIS A 35 13.77 2.30 -24.67
C HIS A 35 12.68 2.34 -25.74
N TRP A 36 12.63 1.29 -26.57
CA TRP A 36 11.56 1.17 -27.54
C TRP A 36 10.74 -0.08 -27.28
N VAL A 37 9.42 0.07 -27.29
CA VAL A 37 8.53 -1.01 -26.93
C VAL A 37 7.50 -1.13 -28.05
N LYS A 38 7.16 -2.35 -28.44
CA LYS A 38 6.23 -2.52 -29.55
C LYS A 38 4.97 -3.17 -29.02
N GLN A 39 3.81 -2.67 -29.43
CA GLN A 39 2.55 -3.29 -29.01
C GLN A 39 1.69 -3.60 -30.21
N ALA A 40 1.42 -4.88 -30.38
CA ALA A 40 0.58 -5.37 -31.47
C ALA A 40 -0.83 -5.47 -30.93
N PRO A 41 -1.84 -5.20 -31.80
CA PRO A 41 -3.26 -5.06 -31.46
C PRO A 41 -3.75 -5.87 -30.26
N GLY A 42 -3.67 -7.18 -30.30
CA GLY A 42 -4.18 -7.97 -29.18
C GLY A 42 -3.15 -8.39 -28.16
N LYS A 43 -1.88 -8.12 -28.46
CA LYS A 43 -0.79 -8.51 -27.57
C LYS A 43 -0.53 -7.42 -26.51
N GLY A 44 0.27 -7.77 -25.51
CA GLY A 44 0.82 -6.82 -24.59
C GLY A 44 2.03 -6.14 -25.19
N LEU A 45 3.03 -5.96 -24.35
CA LEU A 45 4.15 -5.10 -24.64
C LEU A 45 5.40 -5.92 -24.92
N LYS A 46 6.10 -5.59 -26.00
CA LYS A 46 7.35 -6.27 -26.27
C LYS A 46 8.49 -5.29 -26.38
N TRP A 47 9.48 -5.51 -25.54
CA TRP A 47 10.73 -4.78 -25.55
C TRP A 47 11.48 -4.98 -26.85
N MET A 48 11.80 -3.88 -27.53
CA MET A 48 12.61 -3.91 -28.75
C MET A 48 14.07 -3.75 -28.43
N GLY A 49 14.37 -2.96 -27.40
CA GLY A 49 15.73 -2.67 -26.98
C GLY A 49 15.88 -1.25 -26.46
N TRP A 50 17.12 -0.77 -26.37
CA TRP A 50 17.39 0.56 -25.85
C TRP A 50 18.55 1.23 -26.52
N ILE A 51 18.80 2.48 -26.15
CA ILE A 51 19.94 3.22 -26.65
C ILE A 51 20.51 4.06 -25.51
N ASN A 52 21.83 4.15 -25.44
CA ASN A 52 22.48 4.96 -24.43
C ASN A 52 22.55 6.40 -24.94
N THR A 53 21.97 7.32 -24.18
CA THR A 53 21.84 8.70 -24.65
C THR A 53 23.08 9.54 -24.44
N GLU A 54 23.97 9.08 -23.56
CA GLU A 54 25.27 9.73 -23.39
C GLU A 54 26.29 9.30 -24.46
N THR A 55 26.20 8.07 -24.97
CA THR A 55 27.22 7.56 -25.87
C THR A 55 26.67 7.23 -27.26
N GLY A 56 25.34 7.07 -27.37
CA GLY A 56 24.71 6.74 -28.63
C GLY A 56 24.66 5.26 -28.93
N ASP A 57 25.22 4.44 -28.05
CA ASP A 57 25.25 2.99 -28.24
C ASP A 57 23.86 2.36 -28.19
N PRO A 58 23.42 1.77 -29.32
CA PRO A 58 22.11 1.13 -29.28
C PRO A 58 22.26 -0.34 -28.98
N ALA A 59 21.23 -0.95 -28.39
CA ALA A 59 21.24 -2.38 -28.17
C ALA A 59 19.89 -2.91 -28.55
N TYR A 60 19.87 -4.03 -29.28
CA TYR A 60 18.65 -4.58 -29.82
C TYR A 60 18.31 -5.91 -29.13
N ALA A 61 17.01 -6.12 -28.93
CA ALA A 61 16.52 -7.40 -28.44
C ALA A 61 16.57 -8.43 -29.58
N ASP A 62 16.68 -9.71 -29.19
CA ASP A 62 16.87 -10.80 -30.14
C ASP A 62 15.89 -10.73 -31.29
N ASP A 63 14.62 -10.50 -30.98
CA ASP A 63 13.60 -10.48 -32.01
C ASP A 63 13.65 -9.26 -32.90
N PHE A 64 14.62 -8.38 -32.68
CA PHE A 64 14.72 -7.11 -33.43
C PHE A 64 16.14 -6.79 -33.94
N LYS A 65 16.93 -7.83 -34.14
CA LYS A 65 18.28 -7.72 -34.71
C LYS A 65 18.14 -7.89 -36.20
N GLY A 66 18.40 -6.86 -36.96
CA GLY A 66 18.20 -6.93 -38.39
C GLY A 66 17.77 -5.66 -39.06
N ARG A 67 16.48 -5.39 -39.06
CA ARG A 67 15.92 -4.28 -39.79
C ARG A 67 15.53 -3.12 -38.93
N PHE A 68 16.08 -3.04 -37.73
CA PHE A 68 15.79 -1.94 -36.85
C PHE A 68 17.02 -1.14 -36.52
N ALA A 69 16.86 0.16 -36.40
CA ALA A 69 17.95 1.04 -36.02
C ALA A 69 17.51 2.12 -35.03
N PHE A 70 18.25 2.23 -33.94
CA PHE A 70 18.01 3.30 -32.98
C PHE A 70 19.05 4.38 -33.26
N SER A 71 18.73 5.63 -32.95
CA SER A 71 19.67 6.71 -33.19
C SER A 71 19.22 7.96 -32.47
N LEU A 72 20.04 9.00 -32.52
CA LEU A 72 19.79 10.23 -31.79
C LEU A 72 20.12 11.48 -32.55
N GLU A 73 19.63 12.59 -32.02
CA GLU A 73 20.05 13.94 -32.36
C GLU A 73 20.01 14.74 -31.07
N THR A 74 21.17 14.84 -30.43
CA THR A 74 21.26 15.38 -29.09
C THR A 74 20.95 16.86 -29.02
N SER A 75 21.32 17.60 -30.05
CA SER A 75 21.03 19.03 -30.12
C SER A 75 19.54 19.30 -29.95
N VAL A 76 18.71 18.50 -30.61
CA VAL A 76 17.27 18.68 -30.54
C VAL A 76 16.56 17.63 -29.65
N ARG A 77 17.32 16.97 -28.78
CA ARG A 77 16.77 16.11 -27.72
C ARG A 77 15.79 15.05 -28.22
N THR A 78 16.17 14.39 -29.30
CA THR A 78 15.28 13.47 -30.01
C THR A 78 15.94 12.12 -30.27
N ALA A 79 15.21 11.05 -29.98
CA ALA A 79 15.64 9.69 -30.34
C ALA A 79 14.83 9.19 -31.54
N TYR A 80 15.44 8.32 -32.35
CA TYR A 80 14.77 7.86 -33.57
C TYR A 80 14.67 6.37 -33.60
N LEU A 81 13.67 5.87 -34.31
CA LEU A 81 13.49 4.45 -34.56
C LEU A 81 13.24 4.26 -36.04
N GLN A 82 14.18 3.60 -36.71
CA GLN A 82 14.02 3.29 -38.11
C GLN A 82 13.71 1.82 -38.30
N ILE A 83 12.78 1.54 -39.19
CA ILE A 83 12.50 0.17 -39.58
C ILE A 83 12.66 0.04 -41.09
N ASN A 84 13.55 -0.87 -41.53
CA ASN A 84 13.83 -1.15 -42.95
C ASN A 84 12.97 -2.29 -43.49
N ASN A 85 12.76 -2.29 -44.80
CA ASN A 85 12.07 -3.39 -45.49
C ASN A 85 10.80 -3.83 -44.75
N LEU A 86 9.77 -2.99 -44.79
CA LEU A 86 8.61 -3.20 -43.92
C LEU A 86 7.78 -4.42 -44.34
N LYS A 87 7.31 -5.14 -43.32
CA LYS A 87 6.43 -6.27 -43.52
C LYS A 87 5.14 -6.04 -42.76
N ASN A 88 4.18 -6.94 -42.91
CA ASN A 88 2.87 -6.75 -42.29
C ASN A 88 2.97 -6.79 -40.77
N GLU A 89 3.97 -7.50 -40.29
CA GLU A 89 4.11 -7.79 -38.85
C GLU A 89 4.66 -6.57 -38.11
N ASP A 90 5.06 -5.56 -38.87
CA ASP A 90 5.55 -4.34 -38.28
C ASP A 90 4.37 -3.46 -37.92
N THR A 91 3.18 -3.85 -38.34
CA THR A 91 1.98 -3.08 -38.03
C THR A 91 1.74 -3.14 -36.53
N ALA A 92 1.77 -1.97 -35.88
CA ALA A 92 1.64 -1.87 -34.41
C ALA A 92 1.76 -0.45 -33.91
N ILE A 93 1.73 -0.33 -32.58
CA ILE A 93 2.03 0.91 -31.89
C ILE A 93 3.47 0.85 -31.36
N TYR A 94 4.23 1.91 -31.57
CA TYR A 94 5.58 1.92 -31.02
C TYR A 94 5.69 3.01 -29.94
N PHE A 95 6.07 2.60 -28.72
CA PHE A 95 6.32 3.53 -27.62
C PHE A 95 7.78 3.80 -27.42
N CYS A 96 8.10 4.99 -26.93
CA CYS A 96 9.42 5.18 -26.37
C CYS A 96 9.25 5.40 -24.86
N ALA A 97 10.32 5.18 -24.10
CA ALA A 97 10.24 5.25 -22.65
C ALA A 97 11.57 5.68 -22.05
N ARG A 98 11.53 6.61 -21.10
CA ARG A 98 12.73 7.10 -20.45
C ARG A 98 12.93 6.26 -19.21
N GLU A 99 14.06 5.57 -19.16
CA GLU A 99 14.35 4.71 -18.04
C GLU A 99 14.86 5.54 -16.89
N ASP A 100 14.27 5.34 -15.72
CA ASP A 100 14.66 6.08 -14.55
C ASP A 100 14.24 5.26 -13.34
N ASP A 101 15.04 4.26 -13.00
CA ASP A 101 14.64 3.26 -12.00
C ASP A 101 13.29 2.68 -12.41
N GLY A 102 13.20 2.28 -13.67
CA GLY A 102 11.98 1.81 -14.28
C GLY A 102 11.71 2.58 -15.56
N LEU A 103 10.72 2.13 -16.34
CA LEU A 103 10.28 2.91 -17.49
C LEU A 103 9.32 4.00 -16.97
N ALA A 104 9.87 5.15 -16.58
CA ALA A 104 9.15 6.12 -15.75
C ALA A 104 8.30 7.12 -16.55
N SER A 105 8.74 7.47 -17.76
CA SER A 105 7.93 8.26 -18.70
C SER A 105 7.77 7.53 -20.03
N TRP A 106 6.58 7.66 -20.62
CA TRP A 106 6.27 7.08 -21.93
C TRP A 106 5.72 8.12 -22.88
N GLY A 107 6.03 7.96 -24.16
CA GLY A 107 5.48 8.79 -25.20
C GLY A 107 4.07 8.32 -25.49
N GLN A 108 3.35 9.07 -26.31
CA GLN A 108 1.94 8.78 -26.48
C GLN A 108 1.75 7.62 -27.45
N GLY A 109 2.83 7.20 -28.10
CA GLY A 109 2.76 6.12 -29.06
C GLY A 109 2.65 6.59 -30.49
N THR A 110 3.06 5.73 -31.41
CA THR A 110 3.02 6.00 -32.84
C THR A 110 2.48 4.76 -33.54
N THR A 111 1.31 4.87 -34.13
CA THR A 111 0.75 3.75 -34.87
C THR A 111 1.43 3.64 -36.23
N LEU A 112 1.82 2.42 -36.57
CA LEU A 112 2.33 2.15 -37.89
C LEU A 112 1.41 1.15 -38.57
N THR A 113 1.05 1.45 -39.80
CA THR A 113 0.24 0.53 -40.59
C THR A 113 0.98 0.25 -41.88
N VAL A 114 1.21 -1.03 -42.14
CA VAL A 114 1.89 -1.43 -43.34
C VAL A 114 0.84 -2.08 -44.22
N SER A 115 0.71 -1.52 -45.41
CA SER A 115 -0.37 -1.90 -46.30
C SER A 115 -0.16 -1.23 -47.63
N SER A 116 -0.54 -1.92 -48.70
CA SER A 116 -0.42 -1.36 -50.02
C SER A 116 -1.72 -0.66 -50.40
N ALA A 117 -2.75 -0.86 -49.58
CA ALA A 117 -4.07 -0.27 -49.80
C ALA A 117 -4.02 1.25 -49.90
N LYS A 118 -4.99 1.80 -50.64
CA LYS A 118 -5.08 3.23 -50.89
C LYS A 118 -5.67 3.98 -49.70
N THR A 119 -5.21 5.21 -49.50
CA THR A 119 -5.91 6.14 -48.65
C THR A 119 -7.28 6.45 -49.22
N THR A 120 -8.31 6.24 -48.41
CA THR A 120 -9.68 6.51 -48.80
C THR A 120 -10.36 7.41 -47.77
N ALA A 121 -11.03 8.45 -48.24
CA ALA A 121 -11.75 9.37 -47.36
C ALA A 121 -13.10 8.80 -46.87
N PRO A 122 -13.50 9.15 -45.64
CA PRO A 122 -14.78 8.64 -45.18
C PRO A 122 -15.98 9.41 -45.75
N SER A 123 -17.15 8.78 -45.74
CA SER A 123 -18.40 9.50 -45.84
C SER A 123 -18.99 9.61 -44.42
N VAL A 124 -19.55 10.76 -44.09
CA VAL A 124 -20.15 10.96 -42.80
C VAL A 124 -21.66 11.10 -42.91
N TYR A 125 -22.40 10.18 -42.32
CA TYR A 125 -23.86 10.21 -42.38
C TYR A 125 -24.48 10.55 -41.02
N PRO A 126 -25.44 11.48 -41.01
CA PRO A 126 -26.19 11.81 -39.78
C PRO A 126 -27.11 10.67 -39.41
N LEU A 127 -27.34 10.42 -38.13
CA LEU A 127 -28.33 9.42 -37.74
C LEU A 127 -29.44 10.05 -36.90
N ALA A 128 -30.49 10.49 -37.59
CA ALA A 128 -31.67 11.04 -36.96
C ALA A 128 -32.56 9.90 -36.53
N PRO A 129 -33.23 10.05 -35.38
CA PRO A 129 -34.23 9.05 -34.98
C PRO A 129 -35.44 9.10 -35.90
N VAL A 130 -36.15 7.98 -36.03
CA VAL A 130 -37.38 7.95 -36.82
C VAL A 130 -38.46 8.87 -36.22
N CYS A 131 -39.33 9.40 -37.11
CA CYS A 131 -40.47 10.35 -36.86
C CYS A 131 -40.09 11.80 -37.17
N THR A 134 -38.68 12.93 -29.77
CA THR A 134 -39.47 12.01 -30.60
C THR A 134 -40.46 11.22 -29.75
N THR A 135 -39.99 10.72 -28.63
CA THR A 135 -40.68 9.67 -27.90
C THR A 135 -40.95 10.13 -26.48
N GLY A 136 -39.88 10.43 -25.75
CA GLY A 136 -39.97 10.86 -24.37
C GLY A 136 -39.12 12.09 -24.12
N SER A 137 -38.54 12.17 -22.94
CA SER A 137 -37.84 13.37 -22.50
C SER A 137 -36.39 13.41 -22.92
N SER A 138 -35.83 12.25 -23.25
CA SER A 138 -34.48 12.24 -23.82
C SER A 138 -34.52 11.59 -25.19
N VAL A 139 -33.58 12.00 -26.05
CA VAL A 139 -33.45 11.38 -27.35
C VAL A 139 -31.95 11.06 -27.71
N THR A 140 -31.76 9.90 -28.33
CA THR A 140 -30.45 9.44 -28.78
C THR A 140 -30.24 9.72 -30.26
N LEU A 141 -29.18 10.49 -30.57
CA LEU A 141 -28.75 10.77 -31.93
C LEU A 141 -27.52 9.95 -32.33
N GLY A 142 -27.05 10.10 -33.55
CA GLY A 142 -25.94 9.29 -34.00
C GLY A 142 -25.20 9.83 -35.19
N CYS A 143 -24.11 9.14 -35.50
CA CYS A 143 -23.21 9.49 -36.59
C CYS A 143 -22.43 8.28 -37.10
N LEU A 144 -22.43 8.07 -38.40
CA LEU A 144 -21.80 6.91 -39.00
C LEU A 144 -20.69 7.33 -39.93
N VAL A 145 -19.47 6.84 -39.68
CA VAL A 145 -18.30 7.21 -40.47
C VAL A 145 -17.83 6.00 -41.25
N LYS A 146 -17.95 6.04 -42.58
CA LYS A 146 -17.86 4.80 -43.35
C LYS A 146 -16.88 4.84 -44.52
N GLY A 147 -16.05 3.82 -44.61
CA GLY A 147 -15.25 3.63 -45.81
C GLY A 147 -13.97 4.43 -45.86
N TYR A 148 -13.26 4.56 -44.74
CA TYR A 148 -11.99 5.26 -44.75
C TYR A 148 -10.80 4.33 -44.52
N PHE A 149 -9.62 4.83 -44.88
CA PHE A 149 -8.34 4.15 -44.71
C PHE A 149 -7.23 5.17 -44.88
N PRO A 150 -6.26 5.20 -43.95
CA PRO A 150 -6.13 4.34 -42.76
C PRO A 150 -6.73 4.99 -41.52
N GLU A 151 -6.49 4.39 -40.37
CA GLU A 151 -6.76 5.03 -39.09
C GLU A 151 -5.74 6.12 -38.93
N PRO A 152 -6.01 7.11 -38.10
CA PRO A 152 -7.20 7.37 -37.27
C PRO A 152 -8.18 8.37 -37.88
N VAL A 153 -9.41 8.36 -37.36
CA VAL A 153 -10.29 9.53 -37.44
C VAL A 153 -10.53 10.09 -36.05
N THR A 154 -10.84 11.37 -35.95
CA THR A 154 -11.36 11.92 -34.70
C THR A 154 -12.82 12.29 -34.91
N LEU A 155 -13.63 11.99 -33.92
CA LEU A 155 -15.01 12.42 -33.96
C LEU A 155 -15.35 13.15 -32.67
N THR A 156 -15.98 14.31 -32.81
CA THR A 156 -16.50 15.05 -31.68
C THR A 156 -17.93 15.50 -31.95
N TRP A 157 -18.66 15.80 -30.87
CA TRP A 157 -19.96 16.41 -31.01
C TRP A 157 -19.91 17.86 -30.62
N ASN A 158 -20.41 18.71 -31.50
CA ASN A 158 -20.42 20.17 -31.31
C ASN A 158 -19.05 20.66 -30.88
N SER A 159 -18.03 20.18 -31.61
CA SER A 159 -16.62 20.57 -31.49
C SER A 159 -15.94 20.04 -30.23
N GLY A 160 -16.72 19.42 -29.35
CA GLY A 160 -16.19 18.86 -28.11
C GLY A 160 -17.01 19.29 -26.91
N SER A 161 -17.82 20.32 -27.11
CA SER A 161 -18.59 20.90 -26.02
C SER A 161 -19.61 19.89 -25.49
N LEU A 162 -20.21 19.11 -26.38
CA LEU A 162 -21.07 18.01 -25.94
C LEU A 162 -20.26 16.71 -25.83
N SER A 163 -19.89 16.34 -24.61
CA SER A 163 -19.09 15.15 -24.43
C SER A 163 -19.77 14.16 -23.50
N SER A 164 -20.61 14.65 -22.59
CA SER A 164 -21.35 13.74 -21.71
C SER A 164 -22.42 13.00 -22.51
N GLY A 165 -22.76 11.77 -22.10
CA GLY A 165 -23.75 10.97 -22.80
C GLY A 165 -23.31 10.34 -24.13
N VAL A 166 -22.00 10.32 -24.37
CA VAL A 166 -21.49 9.99 -25.69
C VAL A 166 -20.85 8.61 -25.71
N HIS A 167 -21.14 7.85 -26.77
CA HIS A 167 -20.50 6.57 -27.02
C HIS A 167 -19.92 6.57 -28.41
N THR A 168 -18.59 6.56 -28.52
CA THR A 168 -17.94 6.42 -29.82
C THR A 168 -17.34 5.02 -29.95
N PHE A 169 -17.52 4.36 -31.10
CA PHE A 169 -17.19 2.94 -31.20
C PHE A 169 -15.92 2.72 -32.02
N PRO A 170 -15.04 1.84 -31.54
CA PRO A 170 -13.79 1.61 -32.28
C PRO A 170 -14.06 1.22 -33.72
N ALA A 171 -13.16 1.67 -34.59
CA ALA A 171 -13.22 1.34 -36.00
C ALA A 171 -13.17 -0.17 -36.27
N VAL A 172 -14.07 -0.66 -37.12
CA VAL A 172 -14.01 -2.04 -37.56
C VAL A 172 -13.68 -2.12 -39.07
N LEU A 173 -12.74 -3.01 -39.41
CA LEU A 173 -12.13 -3.15 -40.73
C LEU A 173 -12.65 -4.21 -41.72
N GLN A 174 -13.23 -3.74 -42.83
CA GLN A 174 -13.70 -4.57 -43.96
C GLN A 174 -14.01 -3.72 -45.18
N SER A 175 -13.36 -3.95 -46.32
CA SER A 175 -12.39 -5.03 -46.49
C SER A 175 -10.98 -4.48 -46.45
N ASP A 176 -10.79 -3.30 -47.04
CA ASP A 176 -9.66 -2.48 -46.67
C ASP A 176 -10.19 -1.13 -46.22
N LEU A 177 -11.39 -1.15 -45.66
CA LEU A 177 -12.12 0.06 -45.32
C LEU A 177 -12.66 0.04 -43.89
N TYR A 178 -12.45 1.13 -43.15
CA TYR A 178 -12.93 1.18 -41.79
C TYR A 178 -14.31 1.78 -41.70
N THR A 179 -15.04 1.31 -40.70
CA THR A 179 -16.32 1.93 -40.35
C THR A 179 -16.35 2.20 -38.84
N LEU A 180 -16.89 3.35 -38.48
CA LEU A 180 -16.96 3.75 -37.11
C LEU A 180 -18.24 4.52 -36.91
N SER A 181 -18.70 4.58 -35.66
CA SER A 181 -19.94 5.24 -35.34
C SER A 181 -19.89 5.84 -33.97
N SER A 182 -20.80 6.76 -33.69
CA SER A 182 -20.85 7.38 -32.39
C SER A 182 -22.28 7.71 -32.09
N SER A 183 -22.70 7.51 -30.84
CA SER A 183 -24.03 7.90 -30.41
C SER A 183 -23.97 9.00 -29.36
N VAL A 184 -25.04 9.76 -29.25
CA VAL A 184 -25.10 10.76 -28.21
C VAL A 184 -26.50 10.88 -27.66
N THR A 185 -26.60 11.06 -26.34
CA THR A 185 -27.89 11.15 -25.71
C THR A 185 -28.06 12.52 -25.09
N VAL A 186 -29.18 13.16 -25.42
CA VAL A 186 -29.49 14.51 -24.96
C VAL A 186 -30.93 14.60 -24.53
N THR A 187 -31.32 15.77 -24.03
CA THR A 187 -32.71 16.00 -23.64
C THR A 187 -33.55 16.39 -24.85
N SER A 188 -34.77 15.87 -24.93
CA SER A 188 -35.65 16.21 -26.02
C SER A 188 -35.96 17.70 -26.10
N SER A 189 -35.88 18.42 -24.98
CA SER A 189 -36.12 19.86 -25.05
C SER A 189 -34.96 20.60 -25.72
N THR A 190 -33.88 19.85 -25.98
CA THR A 190 -32.65 20.44 -26.49
C THR A 190 -32.52 20.17 -27.97
N TRP A 191 -33.09 19.07 -28.43
CA TRP A 191 -33.05 18.74 -29.85
C TRP A 191 -34.44 18.36 -30.34
N PRO A 192 -34.85 18.86 -31.53
CA PRO A 192 -34.10 19.64 -32.52
C PRO A 192 -34.03 21.15 -32.31
N SER A 193 -34.68 21.70 -31.28
CA SER A 193 -34.56 23.13 -31.01
C SER A 193 -33.09 23.60 -31.12
N GLN A 194 -32.22 23.14 -30.21
CA GLN A 194 -30.81 23.49 -30.29
C GLN A 194 -30.15 22.65 -31.38
N SER A 195 -28.91 22.97 -31.69
CA SER A 195 -28.24 22.37 -32.82
C SER A 195 -27.22 21.31 -32.38
N ILE A 196 -27.28 20.12 -32.97
CA ILE A 196 -26.27 19.13 -32.70
C ILE A 196 -25.54 18.70 -33.99
N THR A 197 -24.24 19.01 -34.01
CA THR A 197 -23.37 18.70 -35.14
C THR A 197 -22.32 17.63 -34.83
N CYS A 198 -22.23 16.65 -35.72
CA CYS A 198 -21.19 15.62 -35.71
C CYS A 198 -19.89 16.10 -36.41
N ASN A 199 -18.76 16.15 -35.70
CA ASN A 199 -17.49 16.65 -36.26
C ASN A 199 -16.47 15.57 -36.52
N VAL A 200 -16.10 15.38 -37.78
CA VAL A 200 -15.25 14.27 -38.11
C VAL A 200 -14.03 14.77 -38.88
N ALA A 201 -12.84 14.34 -38.47
CA ALA A 201 -11.64 14.66 -39.24
C ALA A 201 -10.84 13.41 -39.56
N HIS A 202 -10.26 13.42 -40.75
CA HIS A 202 -9.45 12.31 -41.22
C HIS A 202 -8.24 12.90 -41.94
N PRO A 203 -7.22 13.27 -41.17
CA PRO A 203 -6.03 13.98 -41.65
C PRO A 203 -5.38 13.32 -42.86
N ALA A 204 -5.33 11.99 -42.87
CA ALA A 204 -4.65 11.26 -43.94
C ALA A 204 -5.19 11.60 -45.32
N SER A 205 -6.46 11.98 -45.38
CA SER A 205 -7.09 12.33 -46.64
C SER A 205 -7.58 13.76 -46.52
N SER A 206 -6.91 14.51 -45.64
CA SER A 206 -7.26 15.88 -45.31
C SER A 206 -8.75 16.12 -45.37
N THR A 207 -9.49 15.32 -44.61
CA THR A 207 -10.94 15.39 -44.60
C THR A 207 -11.41 15.97 -43.28
N LYS A 208 -12.36 16.90 -43.39
CA LYS A 208 -12.83 17.66 -42.26
C LYS A 208 -14.27 18.03 -42.54
N VAL A 209 -15.18 17.24 -41.99
CA VAL A 209 -16.62 17.34 -42.25
C VAL A 209 -17.39 17.66 -40.97
N ASP A 210 -18.46 18.42 -41.10
CA ASP A 210 -19.40 18.62 -40.01
C ASP A 210 -20.80 18.27 -40.48
N LYS A 211 -21.48 17.34 -39.84
CA LYS A 211 -22.86 17.03 -40.20
C LYS A 211 -23.83 17.40 -39.09
N LYS A 212 -24.66 18.41 -39.32
CA LYS A 212 -25.75 18.76 -38.43
C LYS A 212 -26.75 17.60 -38.39
N ILE A 213 -27.02 17.03 -37.20
CA ILE A 213 -28.09 16.04 -37.12
C ILE A 213 -29.44 16.77 -37.28
N GLU A 214 -30.22 16.32 -38.25
CA GLU A 214 -31.43 17.01 -38.68
C GLU A 214 -32.59 16.04 -38.56
N PRO A 215 -33.74 16.52 -38.05
CA PRO A 215 -34.90 15.64 -37.82
C PRO A 215 -35.54 15.21 -39.11
N ARG A 216 -36.02 13.98 -39.18
CA ARG A 216 -36.51 13.41 -40.42
C ARG A 216 -37.87 13.98 -40.80
N GLN B 1 18.56 -14.57 -18.89
CA GLN B 1 17.26 -14.45 -19.53
C GLN B 1 16.20 -15.02 -18.62
N ILE B 2 15.28 -14.16 -18.23
CA ILE B 2 14.29 -14.48 -17.23
C ILE B 2 12.92 -14.21 -17.81
N VAL B 3 12.00 -15.18 -17.67
CA VAL B 3 10.65 -15.00 -18.17
C VAL B 3 9.68 -14.61 -17.04
N LEU B 4 8.70 -13.77 -17.36
CA LEU B 4 7.70 -13.35 -16.38
C LEU B 4 6.33 -13.93 -16.68
N THR B 5 5.68 -14.49 -15.68
CA THR B 5 4.39 -15.12 -15.84
C THR B 5 3.38 -14.54 -14.85
N GLN B 6 2.33 -13.93 -15.37
CA GLN B 6 1.36 -13.27 -14.54
C GLN B 6 0.08 -14.08 -14.42
N SER B 7 -0.44 -14.23 -13.21
CA SER B 7 -1.77 -14.79 -13.04
C SER B 7 -2.61 -13.91 -12.12
N PRO B 8 -3.93 -13.88 -12.35
CA PRO B 8 -4.62 -14.55 -13.45
C PRO B 8 -4.53 -13.72 -14.72
N ALA B 9 -5.00 -14.27 -15.83
CA ALA B 9 -4.94 -13.53 -17.07
C ALA B 9 -6.02 -12.44 -17.03
N ILE B 10 -7.26 -12.88 -16.91
CA ILE B 10 -8.38 -12.00 -16.58
C ILE B 10 -8.79 -12.19 -15.11
N MET B 11 -9.16 -11.11 -14.44
CA MET B 11 -9.80 -11.22 -13.13
C MET B 11 -10.88 -10.15 -12.93
N SER B 12 -11.78 -10.38 -11.97
CA SER B 12 -13.00 -9.58 -11.84
C SER B 12 -13.27 -9.15 -10.41
N ALA B 13 -13.70 -7.90 -10.20
CA ALA B 13 -13.93 -7.41 -8.84
C ALA B 13 -14.86 -6.21 -8.74
N SER B 14 -15.62 -6.17 -7.67
CA SER B 14 -16.61 -5.13 -7.43
C SER B 14 -15.99 -3.91 -6.79
N PRO B 15 -16.53 -2.71 -7.07
CA PRO B 15 -15.91 -1.51 -6.49
C PRO B 15 -15.87 -1.63 -4.96
N GLY B 16 -14.75 -1.25 -4.37
CA GLY B 16 -14.56 -1.37 -2.93
C GLY B 16 -13.77 -2.60 -2.52
N GLU B 17 -13.80 -3.64 -3.34
CA GLU B 17 -13.12 -4.89 -3.01
C GLU B 17 -11.60 -4.75 -3.13
N LYS B 18 -10.90 -5.73 -2.57
CA LYS B 18 -9.45 -5.82 -2.70
C LYS B 18 -9.10 -6.78 -3.85
N VAL B 19 -8.10 -6.44 -4.66
CA VAL B 19 -7.56 -7.42 -5.63
C VAL B 19 -6.05 -7.60 -5.48
N THR B 20 -5.62 -8.84 -5.56
CA THR B 20 -4.19 -9.13 -5.63
C THR B 20 -3.92 -9.88 -6.91
N MET B 21 -2.85 -9.50 -7.59
CA MET B 21 -2.45 -10.19 -8.80
C MET B 21 -0.96 -10.48 -8.75
N THR B 22 -0.56 -11.63 -9.26
CA THR B 22 0.79 -12.13 -9.05
C THR B 22 1.64 -12.21 -10.31
N CYS B 23 2.95 -12.18 -10.10
CA CYS B 23 3.92 -12.16 -11.18
C CYS B 23 5.13 -12.99 -10.77
N SER B 24 5.35 -14.12 -11.43
CA SER B 24 6.44 -14.99 -11.05
C SER B 24 7.56 -14.98 -12.07
N ALA B 25 8.77 -14.74 -11.61
CA ALA B 25 9.93 -14.82 -12.48
C ALA B 25 10.40 -16.27 -12.60
N SER B 26 11.16 -16.57 -13.64
CA SER B 26 11.72 -17.91 -13.80
C SER B 26 13.01 -18.04 -12.98
N SER B 27 13.51 -16.90 -12.52
CA SER B 27 14.76 -16.83 -11.77
C SER B 27 14.78 -15.51 -10.99
N THR B 28 15.56 -15.43 -9.91
CA THR B 28 15.57 -14.24 -9.05
C THR B 28 15.79 -12.96 -9.84
N VAL B 29 15.07 -11.91 -9.45
CA VAL B 29 15.35 -10.58 -9.96
C VAL B 29 15.58 -9.63 -8.78
N SER B 30 16.14 -8.45 -9.07
CA SER B 30 16.39 -7.44 -8.06
C SER B 30 15.14 -6.68 -7.63
N TYR B 31 14.39 -6.18 -8.59
CA TYR B 31 13.14 -5.50 -8.31
C TYR B 31 12.12 -5.90 -9.35
N MET B 32 10.87 -5.57 -9.08
CA MET B 32 9.82 -5.76 -10.04
C MET B 32 9.13 -4.41 -10.26
N TYR B 33 8.80 -4.14 -11.50
CA TYR B 33 8.18 -2.89 -11.83
C TYR B 33 6.76 -3.19 -12.31
N TRP B 34 5.85 -2.24 -12.16
CA TRP B 34 4.49 -2.48 -12.64
C TRP B 34 3.96 -1.32 -13.45
N TYR B 35 3.08 -1.64 -14.40
CA TYR B 35 2.50 -0.64 -15.28
C TYR B 35 1.02 -0.90 -15.46
N GLN B 36 0.26 0.19 -15.58
CA GLN B 36 -1.15 0.14 -15.92
C GLN B 36 -1.36 0.65 -17.35
N GLN B 37 -2.16 -0.06 -18.15
CA GLN B 37 -2.53 0.48 -19.46
C GLN B 37 -4.05 0.45 -19.69
N LYS B 38 -4.63 1.61 -19.89
CA LYS B 38 -6.02 1.68 -20.32
C LYS B 38 -6.07 1.64 -21.86
N PRO B 39 -7.17 1.13 -22.43
CA PRO B 39 -7.21 0.99 -23.88
C PRO B 39 -7.10 2.33 -24.58
N GLY B 40 -6.28 2.40 -25.62
CA GLY B 40 -6.08 3.64 -26.36
C GLY B 40 -5.08 4.60 -25.73
N SER B 41 -4.57 4.26 -24.55
CA SER B 41 -3.58 5.11 -23.88
C SER B 41 -2.24 4.42 -23.80
N SER B 42 -1.21 5.24 -23.56
CA SER B 42 0.10 4.75 -23.18
C SER B 42 0.07 4.02 -21.85
N PRO B 43 1.01 3.09 -21.67
CA PRO B 43 1.19 2.48 -20.34
C PRO B 43 1.60 3.53 -19.34
N ARG B 44 1.34 3.27 -18.07
CA ARG B 44 1.66 4.25 -17.05
C ARG B 44 2.38 3.59 -15.88
N PHE B 45 3.47 4.22 -15.44
CA PHE B 45 4.30 3.75 -14.35
C PHE B 45 3.60 3.74 -13.00
N LEU B 46 3.38 2.55 -12.43
CA LEU B 46 2.76 2.41 -11.12
C LEU B 46 3.71 2.24 -9.96
N ILE B 47 4.54 1.22 -10.08
CA ILE B 47 5.38 0.83 -8.97
C ILE B 47 6.83 0.72 -9.43
N SER B 48 7.68 1.50 -8.78
CA SER B 48 9.12 1.42 -8.94
C SER B 48 9.72 0.56 -7.84
N ASP B 49 10.76 -0.21 -8.19
CA ASP B 49 11.54 -0.97 -7.21
C ASP B 49 10.70 -1.81 -6.27
N THR B 50 9.87 -2.66 -6.88
CA THR B 50 9.02 -3.66 -6.20
C THR B 50 7.88 -3.11 -5.36
N SER B 51 8.08 -2.03 -4.60
CA SER B 51 7.02 -1.57 -3.68
C SER B 51 6.85 -0.05 -3.52
N ASN B 52 7.55 0.74 -4.33
CA ASN B 52 7.42 2.19 -4.28
C ASN B 52 6.44 2.75 -5.31
N LEU B 53 5.46 3.54 -4.87
CA LEU B 53 4.51 4.17 -5.76
C LEU B 53 5.23 5.16 -6.67
N ALA B 54 5.06 5.01 -7.98
CA ALA B 54 5.60 6.01 -8.90
C ALA B 54 4.84 7.29 -8.71
N SER B 55 5.36 8.34 -9.32
CA SER B 55 4.86 9.68 -9.10
C SER B 55 3.44 9.84 -9.64
N GLY B 56 2.57 10.40 -8.81
CA GLY B 56 1.19 10.65 -9.21
C GLY B 56 0.26 9.49 -8.95
N VAL B 57 0.78 8.37 -8.43
CA VAL B 57 -0.03 7.16 -8.30
C VAL B 57 -0.71 7.10 -6.91
N PRO B 58 -2.03 6.85 -6.90
CA PRO B 58 -2.81 6.87 -5.66
C PRO B 58 -2.45 5.72 -4.71
N VAL B 59 -2.70 5.94 -3.43
CA VAL B 59 -2.14 5.07 -2.41
C VAL B 59 -2.90 3.77 -2.20
N ARG B 60 -4.00 3.57 -2.92
CA ARG B 60 -4.68 2.27 -2.84
C ARG B 60 -3.88 1.20 -3.59
N PHE B 61 -2.84 1.64 -4.30
CA PHE B 61 -1.91 0.73 -4.97
C PHE B 61 -0.74 0.39 -4.05
N SER B 62 -0.27 -0.85 -4.15
CA SER B 62 0.94 -1.29 -3.46
C SER B 62 1.44 -2.55 -4.12
N GLY B 63 2.75 -2.75 -4.09
CA GLY B 63 3.33 -3.97 -4.63
C GLY B 63 4.21 -4.63 -3.59
N SER B 64 4.39 -5.94 -3.71
CA SER B 64 5.40 -6.58 -2.89
C SER B 64 6.03 -7.81 -3.57
N GLY B 65 6.79 -8.55 -2.77
CA GLY B 65 7.41 -9.79 -3.20
C GLY B 65 8.92 -9.70 -3.14
N SER B 66 9.58 -10.84 -3.33
CA SER B 66 11.01 -10.89 -3.64
C SER B 66 11.32 -12.26 -4.21
N GLY B 67 12.59 -12.53 -4.46
CA GLY B 67 12.97 -13.73 -5.19
C GLY B 67 12.31 -13.84 -6.55
N THR B 68 11.47 -14.85 -6.72
CA THR B 68 10.77 -15.04 -7.98
C THR B 68 9.28 -14.74 -7.90
N SER B 69 8.78 -14.28 -6.75
CA SER B 69 7.34 -14.06 -6.61
C SER B 69 7.00 -12.66 -6.14
N TYR B 70 6.24 -11.98 -6.97
CA TYR B 70 5.80 -10.63 -6.67
C TYR B 70 4.32 -10.48 -6.94
N SER B 71 3.73 -9.45 -6.36
CA SER B 71 2.31 -9.25 -6.51
C SER B 71 2.00 -7.77 -6.45
N LEU B 72 0.91 -7.40 -7.10
CA LEU B 72 0.41 -6.04 -7.01
C LEU B 72 -0.91 -6.13 -6.29
N THR B 73 -1.21 -5.15 -5.45
CA THR B 73 -2.51 -5.11 -4.80
C THR B 73 -3.15 -3.74 -5.00
N ILE B 74 -4.44 -3.75 -5.24
CA ILE B 74 -5.27 -2.55 -5.17
C ILE B 74 -6.21 -2.81 -4.03
N SER B 75 -6.13 -1.99 -2.99
CA SER B 75 -6.80 -2.35 -1.74
C SER B 75 -8.30 -2.16 -1.84
N ARG B 76 -8.74 -1.08 -2.48
CA ARG B 76 -10.16 -0.78 -2.60
C ARG B 76 -10.46 -0.23 -3.98
N ILE B 77 -10.62 -1.19 -4.89
CA ILE B 77 -10.76 -0.94 -6.31
C ILE B 77 -11.88 0.04 -6.64
N GLU B 78 -11.61 0.90 -7.61
CA GLU B 78 -12.58 1.90 -8.07
C GLU B 78 -12.87 1.61 -9.54
N ALA B 79 -13.82 2.31 -10.13
CA ALA B 79 -14.24 1.99 -11.48
C ALA B 79 -13.13 2.28 -12.48
N GLU B 80 -12.31 3.29 -12.22
CA GLU B 80 -11.29 3.69 -13.17
C GLU B 80 -10.05 2.78 -13.08
N ASP B 81 -10.08 1.82 -12.18
CA ASP B 81 -8.97 0.88 -12.14
C ASP B 81 -9.16 -0.28 -13.15
N ALA B 82 -10.18 -0.21 -14.01
CA ALA B 82 -10.29 -1.23 -15.08
C ALA B 82 -9.21 -1.01 -16.11
N ALA B 83 -8.37 -2.02 -16.27
CA ALA B 83 -7.18 -1.89 -17.11
C ALA B 83 -6.48 -3.20 -17.26
N THR B 84 -5.35 -3.16 -17.96
CA THR B 84 -4.44 -4.28 -17.98
C THR B 84 -3.21 -3.88 -17.16
N TYR B 85 -2.70 -4.80 -16.37
CA TYR B 85 -1.57 -4.49 -15.50
C TYR B 85 -0.39 -5.38 -15.88
N TYR B 86 0.76 -4.75 -16.09
CA TYR B 86 1.96 -5.45 -16.55
C TYR B 86 3.05 -5.40 -15.49
N CYS B 87 3.78 -6.48 -15.33
CA CYS B 87 4.97 -6.45 -14.49
C CYS B 87 6.18 -6.51 -15.40
N GLN B 88 7.31 -6.01 -14.92
CA GLN B 88 8.43 -5.85 -15.81
C GLN B 88 9.72 -5.93 -14.98
N HIS B 89 10.75 -6.57 -15.52
CA HIS B 89 12.03 -6.64 -14.83
C HIS B 89 13.15 -6.23 -15.76
N TRP B 90 14.24 -5.73 -15.19
CA TRP B 90 15.40 -5.37 -15.98
C TRP B 90 16.64 -5.83 -15.22
N SER B 91 16.59 -7.05 -14.72
CA SER B 91 17.68 -7.65 -13.93
C SER B 91 18.68 -8.43 -14.79
N SER B 92 18.37 -8.58 -16.08
CA SER B 92 19.23 -9.28 -17.03
C SER B 92 18.71 -9.09 -18.46
N TYR B 93 19.49 -9.50 -19.45
CA TYR B 93 19.06 -9.39 -20.84
C TYR B 93 18.17 -10.58 -21.23
N PRO B 94 17.03 -10.30 -21.88
CA PRO B 94 16.53 -8.98 -22.24
C PRO B 94 15.55 -8.43 -21.22
N LEU B 95 15.29 -7.12 -21.28
CA LEU B 95 14.21 -6.52 -20.51
C LEU B 95 12.90 -7.20 -20.89
N THR B 96 12.10 -7.57 -19.89
CA THR B 96 10.91 -8.35 -20.13
C THR B 96 9.68 -7.84 -19.39
N PHE B 97 8.55 -7.86 -20.10
CA PHE B 97 7.24 -7.70 -19.52
C PHE B 97 6.56 -9.03 -19.27
N GLY B 98 5.74 -9.11 -18.23
CA GLY B 98 4.79 -10.21 -18.13
C GLY B 98 3.73 -10.03 -19.21
N GLY B 99 2.84 -10.99 -19.36
CA GLY B 99 1.83 -10.92 -20.41
C GLY B 99 0.56 -10.19 -20.00
N GLY B 100 0.56 -9.59 -18.82
CA GLY B 100 -0.55 -8.75 -18.43
C GLY B 100 -1.66 -9.46 -17.69
N THR B 101 -2.09 -8.85 -16.59
CA THR B 101 -3.32 -9.26 -15.93
C THR B 101 -4.43 -8.24 -16.24
N LYS B 102 -5.51 -8.67 -16.86
CA LYS B 102 -6.63 -7.78 -17.16
C LYS B 102 -7.68 -7.75 -16.06
N LEU B 103 -7.84 -6.59 -15.42
CA LEU B 103 -8.82 -6.43 -14.35
C LEU B 103 -10.18 -5.91 -14.86
N GLU B 104 -11.21 -6.74 -14.81
CA GLU B 104 -12.56 -6.25 -15.15
C GLU B 104 -13.37 -5.98 -13.91
N LEU B 105 -14.17 -4.91 -13.97
CA LEU B 105 -15.01 -4.55 -12.83
C LEU B 105 -16.35 -5.23 -12.88
N LYS B 106 -16.74 -5.85 -11.77
CA LYS B 106 -18.08 -6.41 -11.65
C LYS B 106 -19.00 -5.28 -11.27
N ARG B 107 -20.19 -5.26 -11.86
CA ARG B 107 -21.21 -4.31 -11.45
C ARG B 107 -22.61 -4.92 -11.55
N ALA B 108 -23.62 -4.13 -11.18
CA ALA B 108 -25.01 -4.57 -11.31
C ALA B 108 -25.27 -4.90 -12.78
N ASP B 109 -25.84 -6.08 -13.02
CA ASP B 109 -26.25 -6.46 -14.37
C ASP B 109 -27.13 -5.34 -14.93
N ALA B 110 -26.87 -4.98 -16.18
CA ALA B 110 -27.62 -3.90 -16.83
C ALA B 110 -28.00 -4.36 -18.23
N ALA B 111 -29.27 -4.21 -18.56
CA ALA B 111 -29.74 -4.59 -19.88
C ALA B 111 -29.40 -3.47 -20.87
N PRO B 112 -29.19 -3.81 -22.15
CA PRO B 112 -28.86 -2.79 -23.13
C PRO B 112 -30.02 -1.84 -23.35
N THR B 113 -29.69 -0.56 -23.49
CA THR B 113 -30.58 0.43 -24.06
C THR B 113 -30.40 0.40 -25.58
N VAL B 114 -31.46 0.07 -26.31
CA VAL B 114 -31.36 -0.11 -27.75
C VAL B 114 -31.96 1.06 -28.55
N SER B 115 -31.27 1.45 -29.62
CA SER B 115 -31.81 2.46 -30.54
C SER B 115 -31.43 2.09 -31.98
N ILE B 116 -32.40 2.27 -32.88
CA ILE B 116 -32.23 1.96 -34.29
C ILE B 116 -32.34 3.23 -35.13
N PHE B 117 -31.62 3.26 -36.25
CA PHE B 117 -31.55 4.42 -37.13
C PHE B 117 -31.59 4.01 -38.59
N PRO B 118 -32.50 4.61 -39.36
CA PRO B 118 -32.60 4.28 -40.77
C PRO B 118 -31.47 4.91 -41.52
N PRO B 119 -31.17 4.40 -42.74
CA PRO B 119 -30.26 5.03 -43.69
C PRO B 119 -30.54 6.51 -43.82
N SER B 120 -29.49 7.29 -43.97
CA SER B 120 -29.65 8.70 -44.18
C SER B 120 -29.93 8.93 -45.64
N SER B 121 -30.53 10.07 -45.94
CA SER B 121 -30.85 10.43 -47.30
C SER B 121 -29.57 10.55 -48.12
N GLU B 122 -28.59 11.25 -47.56
CA GLU B 122 -27.31 11.43 -48.24
C GLU B 122 -26.68 10.11 -48.63
N GLN B 123 -26.73 9.13 -47.72
CA GLN B 123 -26.21 7.80 -48.06
C GLN B 123 -27.05 7.14 -49.15
N LEU B 124 -28.33 7.43 -49.18
CA LEU B 124 -29.18 6.78 -50.12
C LEU B 124 -28.95 7.28 -51.51
N THR B 125 -28.58 8.53 -51.60
CA THR B 125 -28.26 9.14 -52.84
C THR B 125 -26.99 8.55 -53.42
N SER B 126 -26.56 7.40 -52.95
CA SER B 126 -25.30 6.84 -53.40
C SER B 126 -25.30 5.35 -53.52
N GLY B 127 -26.45 4.76 -53.33
CA GLY B 127 -26.66 3.36 -53.66
C GLY B 127 -26.35 2.41 -52.54
N GLY B 128 -25.81 2.98 -51.47
CA GLY B 128 -25.61 2.23 -50.25
C GLY B 128 -26.75 2.53 -49.29
N ALA B 129 -26.98 1.59 -48.38
CA ALA B 129 -27.92 1.83 -47.32
C ALA B 129 -27.44 1.12 -46.06
N SER B 130 -27.17 1.92 -45.04
CA SER B 130 -26.73 1.38 -43.76
C SER B 130 -27.82 1.59 -42.72
N VAL B 131 -28.16 0.52 -42.02
CA VAL B 131 -29.05 0.61 -40.89
C VAL B 131 -28.18 0.40 -39.67
N VAL B 132 -28.29 1.32 -38.72
CA VAL B 132 -27.42 1.26 -37.55
C VAL B 132 -28.24 1.09 -36.27
N CYS B 133 -27.75 0.23 -35.39
CA CYS B 133 -28.45 -0.02 -34.17
C CYS B 133 -27.49 0.07 -33.00
N PHE B 134 -27.75 0.94 -32.05
CA PHE B 134 -26.90 1.05 -30.87
C PHE B 134 -27.42 0.26 -29.65
N LEU B 135 -26.54 -0.53 -29.05
CA LEU B 135 -26.80 -1.24 -27.81
C LEU B 135 -25.97 -0.69 -26.68
N ASN B 136 -26.51 0.22 -25.89
CA ASN B 136 -25.67 0.98 -24.96
C ASN B 136 -25.79 0.63 -23.49
N ASN B 137 -24.66 0.71 -22.79
CA ASN B 137 -24.60 0.61 -21.33
C ASN B 137 -25.24 -0.64 -20.74
N PHE B 138 -24.75 -1.79 -21.16
CA PHE B 138 -25.17 -3.07 -20.62
C PHE B 138 -24.06 -3.81 -19.85
N TYR B 139 -24.46 -4.74 -18.99
CA TYR B 139 -23.51 -5.61 -18.26
C TYR B 139 -24.16 -6.94 -17.92
N PRO B 140 -23.45 -8.04 -18.11
CA PRO B 140 -22.06 -8.22 -18.57
C PRO B 140 -21.85 -8.12 -20.09
N LYS B 141 -20.58 -8.15 -20.50
CA LYS B 141 -20.18 -7.87 -21.88
C LYS B 141 -20.77 -8.77 -22.97
N ASP B 142 -21.08 -10.02 -22.63
CA ASP B 142 -21.52 -11.00 -23.62
C ASP B 142 -22.92 -10.69 -24.11
N ILE B 143 -23.02 -10.34 -25.38
CA ILE B 143 -24.29 -9.96 -25.95
C ILE B 143 -24.39 -10.48 -27.38
N ASN B 144 -25.61 -10.53 -27.87
CA ASN B 144 -25.85 -10.96 -29.23
C ASN B 144 -26.88 -10.09 -29.95
N VAL B 145 -26.55 -9.70 -31.16
CA VAL B 145 -27.46 -8.93 -32.00
C VAL B 145 -27.76 -9.73 -33.25
N LYS B 146 -29.02 -9.70 -33.66
CA LYS B 146 -29.40 -10.28 -34.94
C LYS B 146 -30.36 -9.32 -35.62
N TRP B 147 -30.20 -9.15 -36.93
CA TRP B 147 -31.07 -8.29 -37.71
C TRP B 147 -32.16 -9.07 -38.41
N LYS B 148 -33.35 -8.51 -38.46
CA LYS B 148 -34.40 -9.12 -39.25
C LYS B 148 -35.14 -8.07 -40.05
N ILE B 149 -35.56 -8.47 -41.24
CA ILE B 149 -36.23 -7.60 -42.21
C ILE B 149 -37.59 -8.19 -42.60
N ASP B 150 -38.65 -7.39 -42.40
CA ASP B 150 -40.05 -7.84 -42.40
C ASP B 150 -40.22 -9.26 -41.87
N GLY B 151 -39.79 -9.49 -40.63
CA GLY B 151 -39.99 -10.77 -39.97
C GLY B 151 -38.86 -11.76 -40.17
N SER B 152 -38.20 -11.73 -41.32
CA SER B 152 -37.20 -12.74 -41.65
C SER B 152 -35.80 -12.24 -41.33
N GLU B 153 -35.04 -13.04 -40.59
CA GLU B 153 -33.72 -12.65 -40.11
C GLU B 153 -32.73 -12.51 -41.26
N ARG B 154 -31.57 -11.94 -40.96
CA ARG B 154 -30.53 -11.66 -41.95
C ARG B 154 -29.15 -11.64 -41.34
N GLN B 155 -28.21 -12.38 -41.92
CA GLN B 155 -26.93 -12.57 -41.26
C GLN B 155 -25.77 -11.69 -41.76
N ASN B 156 -25.55 -11.60 -43.08
CA ASN B 156 -24.38 -10.86 -43.55
C ASN B 156 -24.71 -9.47 -44.08
N GLY B 157 -23.66 -8.68 -44.28
CA GLY B 157 -23.79 -7.26 -44.51
C GLY B 157 -23.65 -6.57 -43.16
N VAL B 158 -23.57 -7.39 -42.13
CA VAL B 158 -23.62 -6.97 -40.74
C VAL B 158 -22.23 -6.74 -40.19
N LEU B 159 -22.04 -5.59 -39.53
CA LEU B 159 -20.75 -5.22 -38.94
C LEU B 159 -20.89 -4.73 -37.50
N ASN B 160 -20.11 -5.30 -36.59
CA ASN B 160 -20.25 -4.98 -35.17
C ASN B 160 -18.96 -4.55 -34.49
N SER B 161 -19.11 -3.66 -33.51
CA SER B 161 -18.00 -3.06 -32.79
C SER B 161 -18.33 -2.95 -31.31
N TRP B 162 -17.50 -3.49 -30.45
CA TRP B 162 -17.74 -3.41 -29.01
C TRP B 162 -16.85 -2.36 -28.36
N THR B 163 -17.37 -1.61 -27.38
CA THR B 163 -16.51 -0.75 -26.58
C THR B 163 -15.83 -1.53 -25.47
N ASP B 164 -14.78 -0.93 -24.94
CA ASP B 164 -14.11 -1.45 -23.76
C ASP B 164 -14.90 -0.98 -22.55
N GLN B 165 -14.67 -1.58 -21.39
CA GLN B 165 -15.41 -1.28 -20.18
C GLN B 165 -15.36 0.19 -19.87
N ASP B 166 -16.50 0.79 -19.57
CA ASP B 166 -16.48 2.22 -19.28
C ASP B 166 -15.78 2.43 -17.95
N SER B 167 -14.83 3.34 -17.93
CA SER B 167 -14.08 3.59 -16.71
C SER B 167 -14.87 4.37 -15.65
N LYS B 168 -16.11 4.76 -15.95
CA LYS B 168 -16.92 5.49 -14.97
C LYS B 168 -18.03 4.64 -14.39
N ASP B 169 -18.78 3.98 -15.26
CA ASP B 169 -19.96 3.27 -14.81
C ASP B 169 -19.83 1.77 -15.01
N SER B 170 -18.71 1.35 -15.63
CA SER B 170 -18.35 -0.05 -15.80
C SER B 170 -19.23 -0.83 -16.76
N THR B 171 -19.92 -0.16 -17.66
CA THR B 171 -20.74 -0.89 -18.61
C THR B 171 -20.01 -1.06 -19.93
N TYR B 172 -20.64 -1.80 -20.84
CA TYR B 172 -20.09 -2.04 -22.17
C TYR B 172 -21.14 -1.60 -23.15
N SER B 173 -20.74 -1.16 -24.33
CA SER B 173 -21.70 -0.87 -25.39
C SER B 173 -21.29 -1.53 -26.69
N MET B 174 -22.26 -1.70 -27.57
CA MET B 174 -22.02 -2.32 -28.84
C MET B 174 -22.76 -1.57 -29.94
N SER B 175 -22.10 -1.33 -31.06
CA SER B 175 -22.78 -0.80 -32.24
C SER B 175 -22.84 -1.86 -33.32
N SER B 176 -24.02 -2.02 -33.91
CA SER B 176 -24.18 -2.96 -35.01
C SER B 176 -24.65 -2.23 -36.24
N THR B 177 -24.07 -2.57 -37.37
CA THR B 177 -24.33 -1.86 -38.61
C THR B 177 -24.55 -2.85 -39.74
N LEU B 178 -25.77 -2.87 -40.27
CA LEU B 178 -26.09 -3.72 -41.41
C LEU B 178 -26.12 -2.90 -42.67
N THR B 179 -25.19 -3.19 -43.57
CA THR B 179 -25.03 -2.43 -44.82
C THR B 179 -25.78 -3.12 -45.97
N LEU B 180 -26.29 -2.31 -46.90
CA LEU B 180 -27.06 -2.82 -48.03
C LEU B 180 -26.87 -1.97 -49.26
N THR B 181 -27.64 -2.31 -50.29
CA THR B 181 -27.76 -1.49 -51.48
C THR B 181 -29.06 -0.72 -51.40
N LYS B 182 -29.11 0.47 -51.99
CA LYS B 182 -30.31 1.31 -51.98
C LYS B 182 -31.51 0.55 -52.55
N ASP B 183 -31.21 -0.29 -53.55
CA ASP B 183 -32.23 -1.09 -54.20
C ASP B 183 -32.80 -2.10 -53.23
N GLU B 184 -31.92 -2.92 -52.65
CA GLU B 184 -32.33 -3.93 -51.68
C GLU B 184 -33.09 -3.33 -50.53
N TYR B 185 -32.53 -2.27 -49.95
CA TYR B 185 -33.16 -1.63 -48.80
C TYR B 185 -34.58 -1.17 -49.14
N GLU B 186 -34.79 -0.60 -50.33
CA GLU B 186 -36.12 -0.01 -50.62
C GLU B 186 -37.20 -1.05 -50.95
N ARG B 187 -36.82 -2.32 -50.92
CA ARG B 187 -37.75 -3.40 -51.18
C ARG B 187 -38.65 -3.72 -49.97
N HIS B 188 -38.20 -3.33 -48.78
CA HIS B 188 -38.84 -3.75 -47.53
C HIS B 188 -39.19 -2.59 -46.61
N ASN B 189 -40.18 -2.77 -45.76
CA ASN B 189 -40.69 -1.65 -44.97
C ASN B 189 -40.32 -1.71 -43.49
N SER B 190 -40.28 -2.91 -42.93
CA SER B 190 -39.94 -3.03 -41.52
C SER B 190 -38.53 -3.57 -41.29
N TYR B 191 -37.79 -2.86 -40.45
CA TYR B 191 -36.44 -3.24 -40.06
C TYR B 191 -36.33 -3.35 -38.54
N THR B 192 -35.61 -4.35 -38.06
CA THR B 192 -35.64 -4.65 -36.64
C THR B 192 -34.32 -5.17 -36.10
N CYS B 193 -33.98 -4.68 -34.92
CA CYS B 193 -32.74 -5.00 -34.25
C CYS B 193 -33.05 -5.89 -33.04
N GLU B 194 -32.39 -7.04 -32.92
CA GLU B 194 -32.67 -7.95 -31.79
C GLU B 194 -31.48 -8.18 -30.84
N ALA B 195 -31.58 -7.58 -29.66
CA ALA B 195 -30.55 -7.70 -28.63
C ALA B 195 -30.84 -8.83 -27.64
N THR B 196 -30.04 -9.89 -27.69
CA THR B 196 -30.14 -10.92 -26.68
C THR B 196 -29.05 -10.79 -25.62
N HIS B 197 -29.46 -10.66 -24.37
CA HIS B 197 -28.53 -10.48 -23.26
C HIS B 197 -29.01 -11.23 -22.00
N SER B 198 -28.07 -11.68 -21.17
CA SER B 198 -28.40 -12.55 -20.04
C SER B 198 -29.32 -11.91 -19.00
N THR B 199 -29.63 -10.62 -19.14
CA THR B 199 -30.64 -9.98 -18.29
C THR B 199 -32.03 -10.51 -18.57
N SER B 200 -32.25 -11.06 -19.76
CA SER B 200 -33.59 -11.51 -20.08
C SER B 200 -33.59 -12.67 -21.06
N THR B 201 -34.56 -13.55 -20.87
CA THR B 201 -34.84 -14.62 -21.80
C THR B 201 -35.50 -14.04 -23.06
N SER B 202 -36.15 -12.89 -22.88
CA SER B 202 -36.83 -12.22 -23.98
C SER B 202 -36.00 -11.04 -24.48
N PRO B 203 -35.61 -11.05 -25.78
CA PRO B 203 -34.73 -10.02 -26.32
C PRO B 203 -35.32 -8.63 -26.25
N ILE B 204 -34.44 -7.62 -26.18
CA ILE B 204 -34.81 -6.24 -26.39
C ILE B 204 -34.76 -5.95 -27.89
N VAL B 205 -35.87 -5.49 -28.46
CA VAL B 205 -35.92 -5.21 -29.90
C VAL B 205 -36.43 -3.80 -30.21
N LYS B 206 -35.86 -3.18 -31.25
CA LYS B 206 -36.35 -1.89 -31.76
C LYS B 206 -36.60 -1.99 -33.27
N SER B 207 -37.48 -1.11 -33.77
CA SER B 207 -37.95 -1.20 -35.15
C SER B 207 -38.28 0.14 -35.80
N PHE B 208 -38.35 0.15 -37.12
CA PHE B 208 -38.90 1.30 -37.82
C PHE B 208 -39.52 0.89 -39.14
N ASN B 209 -40.46 1.70 -39.61
CA ASN B 209 -40.99 1.56 -40.96
C ASN B 209 -40.53 2.73 -41.83
N ARG B 210 -40.07 2.47 -43.04
CA ARG B 210 -39.69 3.59 -43.91
C ARG B 210 -40.94 4.34 -44.38
N ASN B 211 -42.10 3.80 -44.04
CA ASN B 211 -43.35 4.53 -44.10
C ASN B 211 -43.61 5.23 -42.75
N GLU B 212 -44.53 6.20 -42.74
CA GLU B 212 -44.91 6.94 -41.53
C GLU B 212 -43.77 7.81 -41.01
N CYS B 213 -42.99 7.26 -40.09
CA CYS B 213 -41.96 8.02 -39.37
C CYS B 213 -40.95 8.69 -40.30
N CYS C 1 39.63 -12.27 -29.07
CA CYS C 1 38.84 -12.84 -27.99
C CYS C 1 38.55 -11.79 -26.91
N SER C 2 38.35 -10.55 -27.34
CA SER C 2 38.14 -9.48 -26.37
C SER C 2 36.70 -8.95 -26.34
N MET C 3 35.73 -9.84 -26.16
CA MET C 3 34.31 -9.49 -26.17
C MET C 3 33.76 -9.05 -24.82
N PRO C 4 32.81 -8.12 -24.83
CA PRO C 4 32.12 -7.72 -23.60
C PRO C 4 31.33 -8.88 -23.05
N LEU C 5 31.69 -9.40 -21.88
CA LEU C 5 31.03 -10.58 -21.34
C LEU C 5 29.60 -10.32 -20.80
N GLY C 6 29.13 -9.07 -20.87
CA GLY C 6 27.76 -8.75 -20.52
C GLY C 6 27.46 -7.87 -19.31
N MET C 7 28.39 -7.00 -18.90
CA MET C 7 28.13 -6.08 -17.80
C MET C 7 27.23 -4.96 -18.29
N GLU C 8 27.60 -4.39 -19.42
CA GLU C 8 26.81 -3.34 -20.05
C GLU C 8 25.50 -3.88 -20.60
N SER C 9 25.57 -5.02 -21.27
CA SER C 9 24.38 -5.58 -21.89
C SER C 9 23.42 -6.23 -20.90
N LYS C 10 23.93 -6.61 -19.72
CA LYS C 10 23.23 -7.36 -18.66
C LYS C 10 23.04 -8.83 -19.03
N ALA C 11 23.84 -9.31 -19.97
CA ALA C 11 23.97 -10.75 -20.15
C ALA C 11 24.55 -11.32 -18.84
N ILE C 12 25.33 -10.49 -18.13
CA ILE C 12 25.68 -10.80 -16.75
C ILE C 12 24.60 -10.20 -15.85
N SER C 13 23.68 -11.05 -15.38
CA SER C 13 22.54 -10.61 -14.61
C SER C 13 22.95 -9.99 -13.27
N ASP C 14 22.04 -9.16 -12.72
CA ASP C 14 22.21 -8.52 -11.40
C ASP C 14 22.72 -9.45 -10.34
N ALA C 15 22.16 -10.64 -10.29
CA ALA C 15 22.41 -11.53 -9.17
C ALA C 15 23.78 -12.18 -9.29
N GLN C 16 24.43 -12.03 -10.44
CA GLN C 16 25.82 -12.48 -10.59
C GLN C 16 26.84 -11.45 -10.10
N ILE C 17 26.38 -10.28 -9.67
CA ILE C 17 27.28 -9.22 -9.26
C ILE C 17 27.05 -8.89 -7.79
N THR C 18 28.09 -9.05 -6.98
CA THR C 18 27.97 -8.80 -5.54
C THR C 18 29.22 -8.11 -5.05
N ALA C 19 29.27 -7.79 -3.77
CA ALA C 19 30.37 -7.00 -3.24
C ALA C 19 30.43 -7.12 -1.74
N SER C 20 31.49 -6.58 -1.15
CA SER C 20 31.68 -6.68 0.30
C SER C 20 30.66 -5.82 1.02
N SER C 21 30.25 -4.74 0.36
CA SER C 21 29.35 -3.75 0.92
C SER C 21 28.94 -2.81 -0.19
N TYR C 22 27.86 -2.07 0.03
CA TYR C 22 27.50 -1.01 -0.89
C TYR C 22 26.81 0.14 -0.17
N PHE C 23 26.86 1.31 -0.79
CA PHE C 23 26.35 2.50 -0.17
C PHE C 23 24.89 2.73 -0.51
N THR C 24 24.05 2.87 0.50
CA THR C 24 22.62 3.00 0.29
C THR C 24 21.91 3.72 1.44
N ASN C 25 20.76 4.32 1.13
CA ASN C 25 19.93 4.96 2.14
C ASN C 25 18.58 5.29 1.50
N MET C 26 17.84 6.19 2.13
CA MET C 26 16.53 6.61 1.64
C MET C 26 16.48 7.16 0.22
N PHE C 27 17.55 7.82 -0.21
CA PHE C 27 17.53 8.61 -1.43
C PHE C 27 18.23 7.92 -2.59
N ALA C 28 19.14 7.00 -2.28
CA ALA C 28 20.03 6.46 -3.29
C ALA C 28 20.50 5.06 -2.95
N THR C 29 20.81 4.29 -3.99
CA THR C 29 21.30 2.93 -3.84
C THR C 29 22.37 2.68 -4.87
N TRP C 30 23.59 2.51 -4.40
CA TRP C 30 24.72 2.33 -5.28
C TRP C 30 25.15 0.88 -5.22
N SER C 31 24.26 -0.01 -5.62
CA SER C 31 24.45 -1.45 -5.38
C SER C 31 25.45 -2.07 -6.38
N PRO C 32 25.93 -3.30 -6.10
CA PRO C 32 26.89 -3.94 -7.01
C PRO C 32 26.44 -3.97 -8.47
N SER C 33 25.18 -4.30 -8.72
CA SER C 33 24.64 -4.36 -10.07
C SER C 33 24.60 -3.03 -10.80
N LYS C 34 25.00 -1.96 -10.11
CA LYS C 34 25.15 -0.65 -10.76
C LYS C 34 26.51 -0.50 -11.45
N ALA C 35 27.39 -1.49 -11.26
CA ALA C 35 28.76 -1.40 -11.72
C ALA C 35 28.88 -1.79 -13.19
N ARG C 36 27.94 -1.34 -14.00
CA ARG C 36 27.90 -1.69 -15.41
C ARG C 36 28.39 -0.53 -16.26
N LEU C 37 29.37 -0.78 -17.11
CA LEU C 37 29.98 0.25 -17.95
C LEU C 37 28.94 1.13 -18.62
N HIS C 38 29.14 2.45 -18.57
CA HIS C 38 28.32 3.44 -19.26
C HIS C 38 26.86 3.55 -18.82
N LEU C 39 26.51 2.92 -17.70
CA LEU C 39 25.15 2.99 -17.14
C LEU C 39 24.76 4.43 -16.83
N GLN C 40 23.48 4.74 -17.05
CA GLN C 40 23.00 6.08 -16.78
C GLN C 40 21.99 6.03 -15.66
N GLY C 41 21.41 7.18 -15.35
CA GLY C 41 20.42 7.28 -14.30
C GLY C 41 21.03 7.79 -13.02
N ARG C 42 20.30 7.66 -11.95
CA ARG C 42 20.78 8.14 -10.69
C ARG C 42 21.43 6.98 -10.01
N SER C 43 22.48 7.28 -9.23
CA SER C 43 23.20 6.27 -8.52
C SER C 43 23.74 5.22 -9.50
N ASN C 44 24.34 5.71 -10.57
CA ASN C 44 24.75 4.86 -11.68
C ASN C 44 26.17 4.32 -11.51
N ALA C 45 26.43 3.68 -10.38
CA ALA C 45 27.74 3.10 -10.11
C ALA C 45 27.74 2.34 -8.79
N TRP C 46 28.64 1.37 -8.67
CA TRP C 46 28.85 0.74 -7.38
C TRP C 46 29.67 1.69 -6.50
N ARG C 47 29.31 1.67 -5.23
CA ARG C 47 30.01 2.42 -4.20
C ARG C 47 30.01 1.58 -2.95
N PRO C 48 31.19 1.43 -2.33
CA PRO C 48 31.20 0.69 -1.07
C PRO C 48 30.49 1.48 0.03
N GLN C 49 30.02 0.77 1.06
CA GLN C 49 29.44 1.40 2.23
C GLN C 49 30.36 2.48 2.79
N VAL C 50 31.66 2.19 2.78
CA VAL C 50 32.70 3.08 3.29
C VAL C 50 33.94 3.03 2.38
N ASN C 51 34.80 4.04 2.43
CA ASN C 51 35.98 4.04 1.57
C ASN C 51 37.26 3.58 2.27
N ASN C 52 37.78 2.44 1.81
CA ASN C 52 39.00 1.85 2.32
C ASN C 52 39.60 0.86 1.28
N PRO C 53 40.80 0.31 1.53
CA PRO C 53 41.37 -0.60 0.53
C PRO C 53 40.99 -2.08 0.66
N LYS C 54 40.20 -2.44 1.66
CA LYS C 54 39.78 -3.82 1.83
C LYS C 54 38.42 -4.14 1.19
N GLU C 55 37.99 -3.37 0.21
CA GLU C 55 36.68 -3.58 -0.42
C GLU C 55 36.85 -4.24 -1.78
N TRP C 56 35.81 -4.89 -2.28
CA TRP C 56 35.87 -5.54 -3.60
C TRP C 56 34.47 -5.70 -4.21
N LEU C 57 34.43 -5.65 -5.55
CA LEU C 57 33.27 -6.01 -6.34
C LEU C 57 33.52 -7.35 -7.04
N GLN C 58 32.53 -8.24 -6.99
CA GLN C 58 32.71 -9.60 -7.50
C GLN C 58 31.75 -9.93 -8.62
N VAL C 59 32.25 -10.54 -9.69
CA VAL C 59 31.40 -11.08 -10.75
C VAL C 59 31.47 -12.61 -10.87
N ASP C 60 30.30 -13.23 -10.88
CA ASP C 60 30.15 -14.68 -10.92
C ASP C 60 29.60 -15.09 -12.27
N PHE C 61 30.50 -15.45 -13.18
CA PHE C 61 30.09 -15.81 -14.53
C PHE C 61 29.30 -17.10 -14.56
N GLN C 62 29.28 -17.84 -13.47
CA GLN C 62 28.49 -19.04 -13.38
C GLN C 62 29.03 -20.18 -14.23
N LYS C 63 29.78 -19.83 -15.24
CA LYS C 63 30.48 -20.72 -16.17
C LYS C 63 31.97 -20.51 -15.88
N THR C 64 32.85 -21.27 -16.52
CA THR C 64 34.27 -20.90 -16.53
C THR C 64 34.49 -20.09 -17.79
N MET C 65 35.18 -18.96 -17.67
CA MET C 65 35.40 -18.11 -18.82
C MET C 65 36.87 -17.76 -18.92
N LYS C 66 37.30 -17.43 -20.13
CA LYS C 66 38.64 -16.92 -20.37
C LYS C 66 38.57 -15.41 -20.36
N VAL C 67 39.06 -14.81 -19.28
CA VAL C 67 39.05 -13.34 -19.14
C VAL C 67 40.33 -12.74 -19.72
N THR C 68 40.19 -11.80 -20.64
CA THR C 68 41.37 -11.22 -21.27
C THR C 68 41.59 -9.75 -20.88
N GLY C 69 40.68 -9.21 -20.08
CA GLY C 69 40.82 -7.83 -19.67
C GLY C 69 39.62 -7.29 -18.93
N VAL C 70 39.81 -6.19 -18.24
CA VAL C 70 38.69 -5.52 -17.61
C VAL C 70 38.71 -4.05 -18.03
N THR C 71 37.53 -3.43 -18.01
CA THR C 71 37.40 -2.03 -18.35
C THR C 71 36.74 -1.35 -17.18
N THR C 72 37.28 -0.22 -16.76
CA THR C 72 36.75 0.44 -15.58
C THR C 72 36.43 1.90 -15.89
N GLN C 73 35.55 2.46 -15.08
CA GLN C 73 35.08 3.80 -15.34
C GLN C 73 34.61 4.36 -14.01
N GLY C 74 34.65 5.67 -13.87
CA GLY C 74 34.24 6.29 -12.63
C GLY C 74 32.81 6.75 -12.73
N VAL C 75 32.47 7.79 -11.97
CA VAL C 75 31.18 8.43 -12.12
C VAL C 75 31.28 9.85 -11.60
N LYS C 76 30.44 10.74 -12.11
CA LYS C 76 30.36 12.09 -11.57
C LYS C 76 29.04 12.21 -10.84
N SER C 77 29.08 12.69 -9.61
CA SER C 77 27.87 12.77 -8.77
C SER C 77 27.82 14.06 -7.98
N LEU C 78 26.76 14.83 -8.21
CA LEU C 78 26.63 16.13 -7.57
C LEU C 78 27.85 17.01 -7.89
N LEU C 79 28.17 17.09 -9.17
CA LEU C 79 29.26 17.93 -9.65
C LEU C 79 30.66 17.43 -9.25
N THR C 80 30.74 16.35 -8.48
CA THR C 80 32.03 15.77 -8.10
C THR C 80 32.35 14.44 -8.81
N SER C 81 33.59 14.31 -9.30
CA SER C 81 33.98 13.09 -9.98
C SER C 81 34.65 12.14 -9.01
N MET C 82 34.14 10.91 -8.97
CA MET C 82 34.68 9.81 -8.15
C MET C 82 35.19 8.70 -9.06
N TYR C 83 36.36 8.18 -8.78
CA TYR C 83 36.87 7.05 -9.56
C TYR C 83 38.03 6.33 -8.92
N VAL C 84 38.22 5.09 -9.35
CA VAL C 84 39.30 4.26 -8.87
C VAL C 84 40.56 4.42 -9.73
N LYS C 85 41.68 4.78 -9.10
CA LYS C 85 42.94 4.95 -9.82
C LYS C 85 43.72 3.66 -9.96
N GLU C 86 43.76 2.86 -8.90
CA GLU C 86 44.56 1.65 -8.87
C GLU C 86 43.76 0.54 -8.21
N PHE C 87 43.87 -0.67 -8.76
CA PHE C 87 43.14 -1.81 -8.23
C PHE C 87 43.90 -3.10 -8.42
N LEU C 88 43.52 -4.10 -7.62
CA LEU C 88 44.05 -5.45 -7.79
C LEU C 88 42.95 -6.34 -8.31
N ILE C 89 43.35 -7.48 -8.86
CA ILE C 89 42.41 -8.48 -9.34
C ILE C 89 42.70 -9.80 -8.70
N SER C 90 41.66 -10.47 -8.23
CA SER C 90 41.83 -11.80 -7.70
C SER C 90 40.82 -12.68 -8.38
N SER C 91 40.97 -13.99 -8.24
CA SER C 91 40.04 -14.89 -8.90
C SER C 91 39.94 -16.18 -8.11
N SER C 92 38.84 -16.88 -8.33
CA SER C 92 38.56 -18.13 -7.66
C SER C 92 37.81 -19.06 -8.58
N GLN C 93 37.57 -20.27 -8.12
CA GLN C 93 36.76 -21.23 -8.86
C GLN C 93 35.78 -21.90 -7.90
N ASP C 94 35.75 -21.41 -6.66
CA ASP C 94 34.84 -21.92 -5.64
C ASP C 94 34.21 -20.80 -4.81
N GLY C 95 34.67 -19.57 -5.03
CA GLY C 95 34.11 -18.40 -4.36
C GLY C 95 34.44 -18.29 -2.88
N HIS C 96 35.45 -19.03 -2.43
CA HIS C 96 35.91 -18.98 -1.05
C HIS C 96 37.44 -18.78 -0.95
N GLN C 97 38.20 -19.55 -1.73
CA GLN C 97 39.65 -19.38 -1.81
C GLN C 97 40.02 -18.47 -2.98
N TRP C 98 40.78 -17.40 -2.71
CA TRP C 98 41.05 -16.40 -3.73
C TRP C 98 42.51 -16.26 -4.13
N THR C 99 42.75 -16.32 -5.43
CA THR C 99 44.09 -16.19 -5.98
C THR C 99 44.36 -14.81 -6.54
N LEU C 100 45.25 -14.08 -5.89
CA LEU C 100 45.73 -12.82 -6.43
C LEU C 100 46.29 -12.97 -7.82
N PHE C 101 46.17 -11.91 -8.62
CA PHE C 101 46.73 -11.89 -9.96
C PHE C 101 48.12 -11.27 -9.91
N PHE C 102 49.13 -12.08 -10.23
CA PHE C 102 50.52 -11.62 -10.20
C PHE C 102 51.01 -11.33 -11.59
N GLN C 103 52.09 -10.56 -11.66
CA GLN C 103 52.81 -10.33 -12.90
C GLN C 103 54.27 -9.97 -12.62
N ASN C 104 55.20 -10.56 -13.38
CA ASN C 104 56.61 -10.43 -13.09
C ASN C 104 56.86 -10.76 -11.63
N GLY C 105 56.20 -11.82 -11.14
CA GLY C 105 56.40 -12.29 -9.79
C GLY C 105 55.62 -11.51 -8.75
N LYS C 106 55.54 -10.20 -8.97
CA LYS C 106 54.93 -9.33 -7.99
C LYS C 106 53.42 -9.19 -8.19
N VAL C 107 52.71 -8.88 -7.12
CA VAL C 107 51.29 -8.62 -7.16
C VAL C 107 50.92 -7.47 -8.12
N LYS C 108 49.99 -7.71 -9.04
CA LYS C 108 49.78 -6.70 -10.05
C LYS C 108 48.83 -5.59 -9.61
N VAL C 109 49.32 -4.37 -9.78
CA VAL C 109 48.55 -3.18 -9.52
C VAL C 109 48.18 -2.52 -10.85
N PHE C 110 46.90 -2.56 -11.21
CA PHE C 110 46.45 -2.00 -12.48
C PHE C 110 46.24 -0.50 -12.35
N GLN C 111 46.58 0.23 -13.40
CA GLN C 111 46.28 1.65 -13.44
C GLN C 111 44.90 1.84 -14.05
N GLY C 112 43.98 2.35 -13.25
CA GLY C 112 42.60 2.49 -13.68
C GLY C 112 42.34 3.86 -14.25
N ASN C 113 41.50 4.61 -13.58
CA ASN C 113 40.95 5.82 -14.17
C ASN C 113 41.58 7.12 -13.72
N GLN C 114 41.45 8.15 -14.55
CA GLN C 114 42.00 9.45 -14.26
C GLN C 114 40.92 10.50 -14.30
N ASP C 115 39.74 10.10 -14.78
CA ASP C 115 38.55 10.96 -14.72
C ASP C 115 37.36 10.07 -14.43
N SER C 116 36.16 10.60 -14.69
CA SER C 116 34.94 9.93 -14.25
C SER C 116 34.09 9.41 -15.39
N PHE C 117 34.43 9.80 -16.62
CA PHE C 117 33.61 9.42 -17.75
C PHE C 117 34.35 8.53 -18.75
N THR C 118 35.69 8.65 -18.80
CA THR C 118 36.47 7.88 -19.77
C THR C 118 36.69 6.47 -19.28
N PRO C 119 36.32 5.48 -20.09
CA PRO C 119 36.65 4.09 -19.76
C PRO C 119 38.10 3.77 -20.05
N VAL C 120 38.73 2.93 -19.22
CA VAL C 120 40.12 2.54 -19.38
C VAL C 120 40.22 1.02 -19.38
N VAL C 121 40.91 0.47 -20.40
CA VAL C 121 41.03 -0.99 -20.55
C VAL C 121 42.32 -1.50 -19.95
N ASN C 122 42.26 -2.63 -19.26
CA ASN C 122 43.44 -3.29 -18.75
C ASN C 122 43.49 -4.76 -19.16
N SER C 123 44.48 -5.13 -19.96
CA SER C 123 44.69 -6.53 -20.34
C SER C 123 44.99 -7.43 -19.15
N LEU C 124 44.47 -8.65 -19.19
CA LEU C 124 44.95 -9.68 -18.30
C LEU C 124 45.93 -10.57 -19.07
N ASP C 125 47.22 -10.38 -18.83
CA ASP C 125 48.22 -11.19 -19.53
C ASP C 125 49.19 -11.85 -18.55
N PRO C 126 49.13 -13.19 -18.45
CA PRO C 126 48.38 -14.10 -19.33
C PRO C 126 46.86 -14.17 -19.05
N PRO C 127 46.08 -14.47 -20.09
CA PRO C 127 44.63 -14.67 -19.97
C PRO C 127 44.26 -15.54 -18.79
N LEU C 128 43.42 -14.98 -17.93
CA LEU C 128 42.97 -15.66 -16.73
C LEU C 128 41.76 -16.54 -17.03
N LEU C 129 41.69 -17.70 -16.40
CA LEU C 129 40.59 -18.63 -16.68
C LEU C 129 39.91 -18.99 -15.38
N THR C 130 38.69 -18.49 -15.23
CA THR C 130 38.07 -18.52 -13.93
C THR C 130 36.55 -18.47 -14.00
N ARG C 131 35.91 -18.77 -12.88
CA ARG C 131 34.48 -18.58 -12.73
C ARG C 131 34.19 -17.25 -12.01
N TYR C 132 34.92 -16.99 -10.92
CA TYR C 132 34.69 -15.81 -10.09
C TYR C 132 35.79 -14.76 -10.25
N LEU C 133 35.41 -13.58 -10.72
CA LEU C 133 36.33 -12.46 -10.81
C LEU C 133 36.09 -11.46 -9.67
N ARG C 134 37.16 -10.89 -9.15
CA ARG C 134 37.06 -9.86 -8.13
C ARG C 134 37.95 -8.69 -8.52
N ILE C 135 37.50 -7.49 -8.17
CA ILE C 135 38.35 -6.33 -8.34
C ILE C 135 38.40 -5.61 -7.02
N HIS C 136 39.60 -5.18 -6.63
CA HIS C 136 39.88 -4.62 -5.31
C HIS C 136 40.45 -3.25 -5.47
N PRO C 137 39.66 -2.22 -5.23
CA PRO C 137 40.21 -0.86 -5.31
C PRO C 137 41.25 -0.62 -4.23
N GLN C 138 42.34 0.04 -4.58
CA GLN C 138 43.42 0.31 -3.64
C GLN C 138 43.72 1.82 -3.46
N SER C 139 43.66 2.58 -4.56
CA SER C 139 43.67 4.04 -4.44
C SER C 139 42.49 4.61 -5.25
N TRP C 140 42.20 5.89 -5.06
CA TRP C 140 41.04 6.52 -5.71
C TRP C 140 41.01 8.05 -5.50
N VAL C 141 40.18 8.73 -6.29
CA VAL C 141 40.02 10.18 -6.20
C VAL C 141 38.64 10.64 -5.72
N HIS C 142 38.64 11.26 -4.54
CA HIS C 142 37.47 11.63 -3.75
C HIS C 142 36.77 10.41 -3.14
N GLN C 143 36.29 9.48 -3.95
CA GLN C 143 35.58 8.32 -3.42
C GLN C 143 35.64 7.11 -4.34
N ILE C 144 35.37 5.93 -3.77
CA ILE C 144 35.36 4.73 -4.56
C ILE C 144 34.07 4.59 -5.33
N ALA C 145 34.18 4.64 -6.66
CA ALA C 145 33.01 4.40 -7.50
C ALA C 145 33.47 3.69 -8.75
N LEU C 146 32.66 2.75 -9.21
CA LEU C 146 33.06 1.82 -10.28
C LEU C 146 31.93 1.42 -11.23
N ARG C 147 32.15 1.67 -12.51
CA ARG C 147 31.37 1.04 -13.56
C ARG C 147 32.37 0.21 -14.37
N MET C 148 32.01 -1.01 -14.74
CA MET C 148 32.99 -1.87 -15.40
C MET C 148 32.44 -2.81 -16.47
N GLU C 149 33.37 -3.41 -17.20
CA GLU C 149 33.07 -4.45 -18.18
C GLU C 149 34.21 -5.48 -18.11
N VAL C 150 33.85 -6.75 -18.19
CA VAL C 150 34.82 -7.83 -18.29
C VAL C 150 34.94 -8.26 -19.75
N LEU C 151 36.17 -8.38 -20.23
CA LEU C 151 36.40 -8.69 -21.64
C LEU C 151 36.95 -10.09 -21.77
N GLY C 152 36.33 -10.92 -22.60
CA GLY C 152 36.78 -12.29 -22.77
C GLY C 152 36.05 -13.09 -23.82
N CYS C 153 35.81 -14.37 -23.51
CA CYS C 153 35.18 -15.33 -24.41
C CYS C 153 35.02 -16.67 -23.69
N GLU C 154 34.53 -17.68 -24.39
CA GLU C 154 34.39 -19.01 -23.80
C GLU C 154 35.72 -19.72 -23.63
N ILE D 2 -18.01 -12.53 17.73
CA ILE D 2 -16.86 -12.87 18.57
C ILE D 2 -16.78 -11.97 19.80
N GLN D 3 -16.58 -12.56 20.98
CA GLN D 3 -16.54 -11.77 22.21
C GLN D 3 -15.48 -12.22 23.22
N LEU D 4 -14.78 -11.25 23.80
CA LEU D 4 -13.85 -11.46 24.87
C LEU D 4 -14.37 -10.73 26.10
N VAL D 5 -14.84 -11.47 27.11
CA VAL D 5 -15.39 -10.84 28.31
C VAL D 5 -14.49 -11.06 29.52
N GLN D 6 -14.10 -9.96 30.15
CA GLN D 6 -13.16 -9.99 31.28
C GLN D 6 -13.90 -9.90 32.60
N SER D 7 -13.20 -10.23 33.69
CA SER D 7 -13.75 -10.17 35.05
C SER D 7 -13.84 -8.72 35.50
N GLY D 8 -14.48 -8.48 36.64
CA GLY D 8 -14.84 -7.12 37.06
C GLY D 8 -13.69 -6.32 37.63
N PRO D 9 -13.95 -5.09 38.06
CA PRO D 9 -12.89 -4.23 38.60
C PRO D 9 -12.22 -4.79 39.85
N GLU D 10 -10.98 -4.37 40.08
CA GLU D 10 -10.20 -4.90 41.18
C GLU D 10 -9.50 -3.82 42.00
N LEU D 11 -9.58 -3.96 43.32
CA LEU D 11 -8.89 -3.07 44.23
C LEU D 11 -7.98 -3.89 45.15
N LYS D 12 -6.72 -3.48 45.29
CA LYS D 12 -5.74 -4.33 45.99
C LYS D 12 -4.69 -3.51 46.72
N LYS D 13 -4.26 -4.02 47.86
CA LYS D 13 -3.13 -3.45 48.58
C LYS D 13 -1.81 -3.92 47.97
N PRO D 14 -0.77 -3.08 48.07
CA PRO D 14 0.56 -3.44 47.58
C PRO D 14 1.07 -4.70 48.24
N GLY D 15 1.82 -5.52 47.51
CA GLY D 15 2.28 -6.80 48.02
C GLY D 15 1.28 -7.91 47.75
N LYS D 16 0.02 -7.57 47.53
CA LYS D 16 -0.99 -8.61 47.32
C LYS D 16 -0.91 -9.19 45.90
N THR D 17 -1.77 -10.18 45.63
CA THR D 17 -1.83 -10.81 44.32
C THR D 17 -3.22 -10.63 43.74
N VAL D 18 -3.31 -10.51 42.42
CA VAL D 18 -4.61 -10.37 41.76
C VAL D 18 -4.66 -11.23 40.51
N LYS D 19 -5.83 -11.80 40.22
CA LYS D 19 -6.02 -12.63 39.03
C LYS D 19 -7.20 -12.15 38.18
N ILE D 20 -6.88 -11.68 36.98
CA ILE D 20 -7.85 -11.22 35.99
C ILE D 20 -8.08 -12.34 34.98
N SER D 21 -9.34 -12.50 34.55
CA SER D 21 -9.72 -13.52 33.60
C SER D 21 -10.23 -12.92 32.29
N CYS D 22 -10.12 -13.67 31.20
CA CYS D 22 -10.68 -13.27 29.90
C CYS D 22 -11.38 -14.46 29.27
N LYS D 23 -12.67 -14.31 28.98
CA LYS D 23 -13.49 -15.42 28.55
C LYS D 23 -13.99 -15.26 27.10
N ALA D 24 -13.71 -16.26 26.27
CA ALA D 24 -14.01 -16.24 24.84
C ALA D 24 -15.46 -16.65 24.53
N SER D 25 -15.96 -16.19 23.38
CA SER D 25 -17.33 -16.49 22.97
C SER D 25 -16.97 -17.16 21.63
N ASP D 26 -17.95 -17.31 20.75
CA ASP D 26 -18.05 -18.28 19.67
C ASP D 26 -17.06 -17.98 18.54
N TYR D 27 -15.84 -18.41 18.79
CA TYR D 27 -14.76 -18.57 17.85
C TYR D 27 -13.97 -19.72 18.44
N THR D 28 -13.08 -20.34 17.69
CA THR D 28 -12.40 -21.54 18.20
C THR D 28 -11.16 -21.23 19.02
N PHE D 29 -11.25 -21.35 20.33
CA PHE D 29 -10.19 -20.92 21.20
C PHE D 29 -8.72 -21.13 20.90
N THR D 30 -8.31 -22.34 20.51
CA THR D 30 -6.89 -22.62 20.41
C THR D 30 -6.25 -22.31 19.10
N ASP D 31 -6.90 -21.52 18.27
CA ASP D 31 -6.30 -21.24 16.98
C ASP D 31 -5.85 -19.79 16.90
N TYR D 32 -6.09 -19.04 17.96
CA TYR D 32 -5.72 -17.63 17.97
C TYR D 32 -5.00 -17.23 19.24
N SER D 33 -3.79 -16.72 19.08
CA SER D 33 -3.02 -16.17 20.17
C SER D 33 -3.78 -15.06 20.88
N LEU D 34 -3.72 -15.05 22.21
CA LEU D 34 -4.37 -14.02 23.00
C LEU D 34 -3.26 -13.14 23.59
N HIS D 35 -3.52 -11.84 23.70
CA HIS D 35 -2.51 -10.88 24.15
C HIS D 35 -2.97 -10.05 25.34
N TRP D 36 -2.01 -9.43 26.04
CA TRP D 36 -2.29 -8.60 27.20
C TRP D 36 -1.72 -7.21 27.07
N VAL D 37 -2.58 -6.22 27.30
CA VAL D 37 -2.22 -4.84 27.12
C VAL D 37 -2.66 -4.04 28.32
N LYS D 38 -1.79 -3.16 28.77
CA LYS D 38 -2.02 -2.36 29.95
C LYS D 38 -2.14 -0.91 29.54
N GLN D 39 -3.03 -0.18 30.20
CA GLN D 39 -3.17 1.25 29.94
C GLN D 39 -3.14 2.07 31.24
N ALA D 40 -1.94 2.43 31.68
CA ALA D 40 -1.76 3.29 32.84
C ALA D 40 -2.49 4.58 32.62
N PRO D 41 -3.09 5.14 33.67
CA PRO D 41 -3.86 6.39 33.61
C PRO D 41 -3.18 7.43 32.73
N GLY D 42 -3.93 7.90 31.74
CA GLY D 42 -3.44 8.83 30.75
C GLY D 42 -2.19 8.44 30.01
N LYS D 43 -1.95 7.14 29.80
CA LYS D 43 -0.89 6.71 28.89
C LYS D 43 -1.48 5.92 27.73
N GLY D 44 -0.65 5.60 26.74
CA GLY D 44 -1.12 4.85 25.59
C GLY D 44 -1.12 3.37 25.90
N LEU D 45 -1.34 2.57 24.87
CA LEU D 45 -1.37 1.13 25.05
C LEU D 45 0.04 0.56 25.11
N LYS D 46 0.23 -0.41 25.98
CA LYS D 46 1.56 -0.93 26.23
C LYS D 46 1.50 -2.43 26.32
N TRP D 47 2.07 -3.07 25.30
CA TRP D 47 2.04 -4.51 25.17
C TRP D 47 2.74 -5.18 26.34
N MET D 48 2.06 -6.16 26.93
CA MET D 48 2.62 -6.86 28.08
C MET D 48 3.24 -8.18 27.65
N GLY D 49 2.59 -8.84 26.69
CA GLY D 49 3.09 -10.09 26.16
C GLY D 49 1.97 -10.92 25.58
N TRP D 50 2.27 -12.18 25.27
CA TRP D 50 1.25 -13.04 24.69
C TRP D 50 1.38 -14.48 25.17
N ILE D 51 0.31 -15.22 24.90
CA ILE D 51 0.23 -16.64 25.15
C ILE D 51 -0.18 -17.38 23.88
N ASN D 52 0.53 -18.48 23.58
CA ASN D 52 0.11 -19.44 22.57
C ASN D 52 -1.02 -20.29 23.15
N THR D 53 -2.19 -20.25 22.53
CA THR D 53 -3.38 -20.85 23.14
C THR D 53 -3.60 -22.29 22.71
N GLU D 54 -2.77 -22.77 21.80
CA GLU D 54 -2.73 -24.19 21.45
C GLU D 54 -1.65 -24.85 22.29
N THR D 55 -0.51 -24.17 22.38
CA THR D 55 0.68 -24.67 23.04
C THR D 55 0.74 -24.41 24.57
N GLY D 56 0.10 -23.35 25.04
CA GLY D 56 0.17 -23.01 26.45
C GLY D 56 1.27 -22.01 26.78
N ASP D 57 2.36 -22.07 26.02
CA ASP D 57 3.51 -21.18 26.23
C ASP D 57 3.14 -19.70 26.28
N PRO D 58 3.48 -19.04 27.39
CA PRO D 58 3.39 -17.58 27.45
C PRO D 58 4.70 -16.95 27.00
N ALA D 59 4.66 -15.68 26.62
CA ALA D 59 5.88 -14.95 26.36
C ALA D 59 5.66 -13.51 26.83
N TYR D 60 6.70 -12.91 27.40
CA TYR D 60 6.59 -11.69 28.17
C TYR D 60 7.46 -10.57 27.60
N ALA D 61 6.94 -9.36 27.65
CA ALA D 61 7.73 -8.20 27.23
C ALA D 61 8.80 -7.96 28.28
N ASP D 62 9.92 -7.37 27.86
CA ASP D 62 11.04 -7.07 28.74
C ASP D 62 10.61 -6.41 30.05
N ASP D 63 9.63 -5.52 29.96
CA ASP D 63 9.11 -4.78 31.11
C ASP D 63 8.34 -5.66 32.09
N PHE D 64 7.81 -6.79 31.63
CA PHE D 64 6.90 -7.56 32.45
C PHE D 64 7.42 -8.96 32.74
N LYS D 65 8.73 -9.07 32.91
CA LYS D 65 9.33 -10.35 33.31
C LYS D 65 9.60 -10.37 34.82
N GLY D 66 8.84 -11.19 35.51
CA GLY D 66 8.98 -11.35 36.93
C GLY D 66 7.65 -11.53 37.61
N ARG D 67 6.94 -10.45 37.76
CA ARG D 67 5.77 -10.45 38.60
C ARG D 67 4.52 -10.86 37.89
N PHE D 68 4.67 -11.16 36.62
CA PHE D 68 3.52 -11.42 35.78
C PHE D 68 3.47 -12.83 35.23
N ALA D 69 2.27 -13.39 35.18
CA ALA D 69 2.09 -14.72 34.65
C ALA D 69 0.82 -14.82 33.80
N PHE D 70 0.95 -15.39 32.61
CA PHE D 70 -0.20 -15.71 31.75
C PHE D 70 -0.52 -17.18 31.82
N SER D 71 -1.79 -17.52 31.97
CA SER D 71 -2.17 -18.93 31.91
C SER D 71 -3.49 -19.11 31.18
N LEU D 72 -3.78 -20.34 30.74
CA LEU D 72 -5.02 -20.67 30.03
C LEU D 72 -5.89 -21.66 30.81
N GLU D 73 -7.15 -21.75 30.45
CA GLU D 73 -8.00 -22.82 30.93
C GLU D 73 -8.90 -23.24 29.77
N THR D 74 -8.31 -24.00 28.85
CA THR D 74 -8.93 -24.42 27.60
C THR D 74 -10.30 -25.06 27.79
N SER D 75 -10.45 -25.80 28.88
CA SER D 75 -11.71 -26.47 29.21
C SER D 75 -12.87 -25.49 29.31
N VAL D 76 -12.56 -24.22 29.54
CA VAL D 76 -13.59 -23.21 29.78
C VAL D 76 -13.36 -21.97 28.90
N ARG D 77 -12.47 -22.10 27.92
CA ARG D 77 -12.19 -21.02 26.97
C ARG D 77 -11.73 -19.74 27.65
N THR D 78 -10.93 -19.84 28.70
CA THR D 78 -10.56 -18.63 29.44
C THR D 78 -9.05 -18.46 29.59
N ALA D 79 -8.57 -17.26 29.36
CA ALA D 79 -7.17 -16.93 29.59
C ALA D 79 -7.07 -16.15 30.89
N TYR D 80 -5.89 -16.14 31.49
CA TYR D 80 -5.73 -15.58 32.83
C TYR D 80 -4.49 -14.73 32.94
N LEU D 81 -4.66 -13.55 33.52
CA LEU D 81 -3.50 -12.73 33.86
C LEU D 81 -3.42 -12.60 35.38
N GLN D 82 -2.31 -13.06 35.96
CA GLN D 82 -2.08 -12.88 37.39
C GLN D 82 -0.89 -11.98 37.65
N ILE D 83 -1.06 -11.06 38.60
CA ILE D 83 0.04 -10.18 39.00
C ILE D 83 0.33 -10.34 40.48
N ASN D 84 1.57 -10.59 40.85
CA ASN D 84 1.86 -10.75 42.28
C ASN D 84 2.90 -9.76 42.81
N ASN D 85 2.97 -9.67 44.14
CA ASN D 85 3.68 -8.59 44.84
C ASN D 85 3.42 -7.28 44.10
N LEU D 86 2.17 -6.81 44.15
CA LEU D 86 1.68 -5.64 43.40
C LEU D 86 2.23 -4.30 43.87
N LYS D 87 2.30 -3.36 42.93
CA LYS D 87 2.81 -2.02 43.21
C LYS D 87 1.82 -0.97 42.72
N ASN D 88 1.93 0.25 43.25
CA ASN D 88 1.05 1.32 42.83
C ASN D 88 1.09 1.54 41.31
N GLU D 89 2.25 1.28 40.73
CA GLU D 89 2.45 1.51 39.31
C GLU D 89 1.74 0.45 38.47
N ASP D 90 1.20 -0.58 39.13
CA ASP D 90 0.39 -1.56 38.44
C ASP D 90 -1.03 -1.06 38.24
N THR D 91 -1.35 0.12 38.79
CA THR D 91 -2.67 0.70 38.63
C THR D 91 -2.90 1.10 37.19
N ALA D 92 -3.93 0.53 36.57
CA ALA D 92 -4.17 0.66 35.13
C ALA D 92 -5.39 -0.11 34.69
N ILE D 93 -5.76 0.02 33.42
CA ILE D 93 -6.75 -0.85 32.81
C ILE D 93 -6.00 -1.97 32.03
N TYR D 94 -6.40 -3.21 32.27
CA TYR D 94 -5.75 -4.34 31.61
C TYR D 94 -6.67 -4.91 30.56
N PHE D 95 -6.15 -5.04 29.34
CA PHE D 95 -6.93 -5.56 28.22
C PHE D 95 -6.41 -6.90 27.74
N CYS D 96 -7.31 -7.84 27.51
CA CYS D 96 -6.93 -9.01 26.73
C CYS D 96 -7.41 -8.79 25.29
N ALA D 97 -6.73 -9.42 24.33
CA ALA D 97 -7.13 -9.26 22.93
C ALA D 97 -6.74 -10.46 22.07
N ARG D 98 -7.58 -10.76 21.08
CA ARG D 98 -7.31 -11.84 20.15
C ARG D 98 -6.49 -11.40 18.94
N GLU D 99 -5.46 -12.18 18.62
CA GLU D 99 -4.65 -11.95 17.44
C GLU D 99 -5.10 -12.71 16.21
N ASP D 100 -5.31 -11.98 15.12
CA ASP D 100 -5.81 -12.52 13.85
C ASP D 100 -5.47 -11.49 12.78
N ASP D 101 -4.21 -11.47 12.36
CA ASP D 101 -3.71 -10.45 11.46
C ASP D 101 -4.00 -9.09 12.10
N GLY D 102 -3.35 -8.86 13.24
CA GLY D 102 -3.64 -7.72 14.08
C GLY D 102 -4.50 -8.17 15.25
N LEU D 103 -4.61 -7.29 16.24
CA LEU D 103 -5.45 -7.58 17.38
C LEU D 103 -6.90 -7.36 17.00
N ALA D 104 -7.57 -8.39 16.50
CA ALA D 104 -8.91 -8.26 15.94
C ALA D 104 -10.05 -8.10 16.95
N SER D 105 -9.86 -8.59 18.18
CA SER D 105 -10.95 -8.58 19.16
C SER D 105 -10.45 -8.09 20.52
N TRP D 106 -11.28 -7.35 21.25
CA TRP D 106 -10.81 -6.79 22.53
C TRP D 106 -11.79 -7.02 23.66
N GLY D 107 -11.25 -7.48 24.79
CA GLY D 107 -12.03 -7.52 26.01
C GLY D 107 -12.47 -6.11 26.38
N GLN D 108 -13.42 -5.99 27.29
CA GLN D 108 -13.93 -4.69 27.70
C GLN D 108 -13.00 -4.01 28.70
N GLY D 109 -11.97 -4.72 29.13
CA GLY D 109 -11.01 -4.16 30.07
C GLY D 109 -11.37 -4.34 31.53
N THR D 110 -10.32 -4.43 32.36
CA THR D 110 -10.45 -4.65 33.79
C THR D 110 -9.63 -3.61 34.50
N THR D 111 -10.31 -2.68 35.17
CA THR D 111 -9.65 -1.67 35.96
C THR D 111 -9.01 -2.25 37.23
N LEU D 112 -7.76 -1.88 37.50
CA LEU D 112 -7.07 -2.34 38.69
C LEU D 112 -6.46 -1.16 39.44
N THR D 113 -6.95 -0.92 40.66
CA THR D 113 -6.34 0.09 41.50
C THR D 113 -5.51 -0.60 42.57
N VAL D 114 -4.25 -0.21 42.68
CA VAL D 114 -3.40 -0.70 43.75
C VAL D 114 -3.02 0.46 44.62
N SER D 115 -3.47 0.43 45.87
CA SER D 115 -3.24 1.53 46.80
C SER D 115 -3.20 0.97 48.19
N SER D 116 -2.66 1.73 49.14
CA SER D 116 -2.68 1.24 50.51
C SER D 116 -3.80 1.91 51.33
N ALA D 117 -4.47 2.88 50.72
CA ALA D 117 -5.56 3.59 51.39
C ALA D 117 -6.79 2.70 51.54
N LYS D 118 -7.67 3.07 52.47
CA LYS D 118 -8.89 2.31 52.71
C LYS D 118 -10.12 3.11 52.33
N THR D 119 -11.28 2.47 52.42
CA THR D 119 -12.55 3.12 52.10
C THR D 119 -12.78 4.36 52.97
N THR D 120 -12.67 5.50 52.34
CA THR D 120 -12.82 6.79 52.99
C THR D 120 -13.97 7.61 52.40
N ALA D 121 -14.96 7.99 53.21
CA ALA D 121 -16.06 8.80 52.71
C ALA D 121 -15.54 10.20 52.41
N PRO D 122 -16.18 10.93 51.52
CA PRO D 122 -15.73 12.28 51.25
C PRO D 122 -16.28 13.32 52.17
N SER D 123 -15.68 14.49 52.19
CA SER D 123 -16.30 15.63 52.81
C SER D 123 -16.77 16.45 51.64
N VAL D 124 -17.89 17.13 51.76
CA VAL D 124 -18.40 17.90 50.64
C VAL D 124 -18.49 19.38 50.93
N TYR D 125 -17.70 20.21 50.27
CA TYR D 125 -17.71 21.64 50.55
C TYR D 125 -18.38 22.39 49.43
N PRO D 126 -19.17 23.42 49.78
CA PRO D 126 -19.84 24.29 48.81
C PRO D 126 -18.88 25.33 48.25
N LEU D 127 -19.06 25.68 46.98
CA LEU D 127 -18.19 26.66 46.33
C LEU D 127 -18.95 27.95 46.03
N ALA D 128 -19.28 28.68 47.08
CA ALA D 128 -20.01 29.95 46.93
C ALA D 128 -19.06 31.10 46.62
N PRO D 129 -19.66 32.28 46.18
CA PRO D 129 -18.70 33.36 45.89
C PRO D 129 -18.63 34.37 47.03
N GLY D 136 -21.53 39.44 36.01
CA GLY D 136 -22.45 39.92 34.98
C GLY D 136 -23.85 39.35 35.15
N SER D 137 -24.40 38.81 34.06
CA SER D 137 -25.75 38.25 34.08
C SER D 137 -25.75 36.81 34.58
N SER D 138 -24.56 36.28 34.87
CA SER D 138 -24.46 34.90 35.32
C SER D 138 -23.70 34.78 36.64
N VAL D 139 -23.66 33.56 37.15
CA VAL D 139 -22.92 33.27 38.37
C VAL D 139 -22.48 31.81 38.32
N THR D 140 -21.22 31.56 38.64
CA THR D 140 -20.77 30.18 38.69
C THR D 140 -20.69 29.70 40.14
N LEU D 141 -21.29 28.54 40.39
CA LEU D 141 -21.23 27.93 41.70
C LEU D 141 -20.36 26.69 41.55
N GLY D 142 -20.21 25.94 42.64
CA GLY D 142 -19.41 24.74 42.58
C GLY D 142 -19.52 23.86 43.80
N CYS D 143 -18.91 22.69 43.69
CA CYS D 143 -18.98 21.68 44.72
C CYS D 143 -17.64 20.95 44.75
N LEU D 144 -17.05 20.84 45.94
CA LEU D 144 -15.76 20.16 46.09
C LEU D 144 -15.92 18.88 46.91
N VAL D 145 -15.52 17.76 46.31
CA VAL D 145 -15.62 16.45 46.92
C VAL D 145 -14.21 15.94 47.19
N LYS D 146 -13.81 16.02 48.45
CA LYS D 146 -12.45 15.82 48.87
C LYS D 146 -12.14 14.60 49.68
N GLY D 147 -11.07 13.89 49.36
CA GLY D 147 -10.54 12.84 50.24
C GLY D 147 -11.39 11.59 50.34
N TYR D 148 -11.76 11.02 49.21
CA TYR D 148 -12.57 9.84 49.18
C TYR D 148 -11.75 8.77 48.58
N PHE D 149 -12.10 7.53 48.87
CA PHE D 149 -11.50 6.39 48.27
C PHE D 149 -12.38 5.17 48.49
N PRO D 150 -12.60 4.40 47.45
CA PRO D 150 -12.03 4.66 46.15
C PRO D 150 -13.03 5.27 45.22
N GLU D 151 -12.75 5.21 43.93
CA GLU D 151 -13.69 5.62 42.93
C GLU D 151 -14.82 4.61 42.77
N PRO D 152 -16.09 5.01 42.32
CA PRO D 152 -16.30 6.44 42.16
C PRO D 152 -17.39 7.04 43.04
N VAL D 153 -17.69 8.29 42.78
CA VAL D 153 -18.71 9.08 43.43
C VAL D 153 -19.67 9.50 42.33
N THR D 154 -20.93 9.72 42.67
CA THR D 154 -21.84 10.31 41.71
C THR D 154 -22.24 11.69 42.19
N LEU D 155 -22.20 12.66 41.29
CA LEU D 155 -22.53 14.04 41.64
C LEU D 155 -23.57 14.61 40.70
N THR D 156 -24.65 15.14 41.27
CA THR D 156 -25.69 15.80 40.48
C THR D 156 -26.01 17.18 41.06
N TRP D 157 -26.65 18.01 40.25
CA TRP D 157 -27.13 19.30 40.70
C TRP D 157 -28.65 19.31 40.70
N ASN D 158 -29.23 19.63 41.86
CA ASN D 158 -30.68 19.64 42.02
C ASN D 158 -31.29 18.33 41.56
N SER D 159 -30.73 17.23 42.08
CA SER D 159 -31.20 15.88 41.78
C SER D 159 -31.22 15.57 40.29
N GLY D 160 -30.25 16.13 39.57
CA GLY D 160 -30.08 15.82 38.16
C GLY D 160 -30.94 16.65 37.23
N SER D 161 -31.70 17.58 37.80
CA SER D 161 -32.57 18.45 37.01
C SER D 161 -31.80 19.63 36.42
N LEU D 162 -30.60 19.84 36.95
CA LEU D 162 -29.72 20.88 36.43
C LEU D 162 -28.55 20.19 35.75
N SER D 163 -28.54 20.24 34.42
CA SER D 163 -27.58 19.48 33.61
C SER D 163 -26.85 20.40 32.65
N SER D 164 -27.57 21.39 32.14
CA SER D 164 -26.97 22.38 31.27
C SER D 164 -26.00 23.24 32.07
N GLY D 165 -24.88 23.60 31.44
CA GLY D 165 -23.91 24.46 32.09
C GLY D 165 -23.22 23.81 33.26
N VAL D 166 -23.11 22.49 33.22
CA VAL D 166 -22.44 21.77 34.29
C VAL D 166 -21.13 21.16 33.82
N HIS D 167 -20.07 21.35 34.59
CA HIS D 167 -18.78 20.72 34.31
C HIS D 167 -18.36 19.91 35.53
N THR D 168 -18.30 18.60 35.36
CA THR D 168 -17.84 17.74 36.43
C THR D 168 -16.47 17.19 36.07
N PHE D 169 -15.48 17.50 36.90
CA PHE D 169 -14.10 17.21 36.57
C PHE D 169 -13.70 15.82 37.07
N PRO D 170 -12.90 15.11 36.26
CA PRO D 170 -12.41 13.78 36.61
C PRO D 170 -11.63 13.85 37.90
N ALA D 171 -11.75 12.83 38.75
CA ALA D 171 -11.06 12.84 40.03
C ALA D 171 -9.56 12.71 39.85
N VAL D 172 -8.81 13.25 40.81
CA VAL D 172 -7.36 13.20 40.80
C VAL D 172 -6.90 12.70 42.17
N LEU D 173 -5.78 11.97 42.21
CA LEU D 173 -5.21 11.49 43.46
C LEU D 173 -4.53 12.58 44.28
N GLN D 174 -4.90 12.73 45.55
CA GLN D 174 -4.39 13.83 46.35
C GLN D 174 -4.07 13.46 47.80
N SER D 175 -3.12 12.54 48.00
CA SER D 175 -2.32 11.92 46.95
C SER D 175 -2.33 10.41 47.17
N ASP D 176 -3.30 10.06 47.97
CA ASP D 176 -3.48 8.77 48.56
C ASP D 176 -4.96 8.59 48.38
N LEU D 177 -5.64 9.73 48.34
CA LEU D 177 -7.09 9.89 48.24
C LEU D 177 -7.58 10.63 47.00
N TYR D 178 -8.84 10.54 46.66
CA TYR D 178 -9.31 11.30 45.53
C TYR D 178 -10.04 12.56 45.91
N THR D 179 -10.01 13.52 45.02
CA THR D 179 -10.75 14.73 45.18
C THR D 179 -11.27 15.09 43.84
N LEU D 180 -12.46 15.64 43.81
CA LEU D 180 -13.09 15.97 42.58
C LEU D 180 -13.97 17.17 42.80
N SER D 181 -14.30 17.85 41.74
CA SER D 181 -15.04 19.09 41.82
C SER D 181 -15.99 19.22 40.64
N SER D 182 -17.06 19.99 40.83
CA SER D 182 -18.02 20.24 39.78
C SER D 182 -18.36 21.71 39.77
N SER D 183 -18.64 22.24 38.58
CA SER D 183 -19.10 23.62 38.48
C SER D 183 -20.46 23.67 37.81
N VAL D 184 -21.28 24.63 38.22
CA VAL D 184 -22.54 24.87 37.56
C VAL D 184 -22.71 26.38 37.36
N THR D 185 -23.15 26.77 36.17
CA THR D 185 -23.33 28.17 35.84
C THR D 185 -24.79 28.46 35.53
N VAL D 186 -25.38 29.39 36.27
CA VAL D 186 -26.77 29.77 36.06
C VAL D 186 -26.87 31.29 36.02
N THR D 187 -28.06 31.79 35.71
CA THR D 187 -28.27 33.22 35.66
C THR D 187 -28.23 33.81 37.08
N SER D 188 -27.80 35.06 37.17
CA SER D 188 -27.65 35.72 38.47
C SER D 188 -28.99 36.00 39.13
N SER D 189 -30.07 35.88 38.36
CA SER D 189 -31.40 36.12 38.88
C SER D 189 -32.01 34.87 39.50
N THR D 190 -31.45 33.71 39.16
CA THR D 190 -31.94 32.44 39.68
C THR D 190 -31.23 32.02 40.97
N TRP D 191 -30.23 32.82 41.36
CA TRP D 191 -29.47 32.52 42.57
C TRP D 191 -28.94 33.81 43.20
N PRO D 192 -29.05 33.94 44.53
CA PRO D 192 -29.55 32.92 45.46
C PRO D 192 -31.07 32.91 45.61
N SER D 193 -31.77 33.56 44.70
CA SER D 193 -33.23 33.64 44.75
C SER D 193 -33.85 32.24 44.77
N GLN D 194 -33.36 31.37 43.89
CA GLN D 194 -33.76 29.97 43.88
C GLN D 194 -32.62 29.15 44.48
N SER D 195 -32.92 27.92 44.85
CA SER D 195 -32.02 27.01 45.54
C SER D 195 -31.16 26.17 44.62
N ILE D 196 -29.87 26.02 44.94
CA ILE D 196 -28.98 25.17 44.18
C ILE D 196 -28.17 24.26 45.08
N THR D 197 -28.32 22.97 44.88
CA THR D 197 -27.74 21.97 45.76
C THR D 197 -27.00 20.92 44.95
N CYS D 198 -25.82 20.53 45.39
CA CYS D 198 -25.13 19.42 44.76
C CYS D 198 -25.35 18.14 45.57
N ASN D 199 -25.45 17.02 44.88
CA ASN D 199 -25.77 15.76 45.51
C ASN D 199 -24.62 14.79 45.34
N VAL D 200 -24.00 14.40 46.45
CA VAL D 200 -22.83 13.54 46.38
C VAL D 200 -23.11 12.18 46.98
N ALA D 201 -23.02 11.15 46.15
CA ALA D 201 -23.19 9.78 46.62
C ALA D 201 -21.88 9.02 46.50
N HIS D 202 -21.48 8.30 47.53
CA HIS D 202 -20.28 7.49 47.42
C HIS D 202 -20.63 6.09 47.83
N PRO D 203 -20.87 5.22 46.77
CA PRO D 203 -21.51 3.98 47.18
C PRO D 203 -20.70 3.09 48.09
N ALA D 204 -19.39 3.20 48.01
CA ALA D 204 -18.55 2.28 48.71
C ALA D 204 -18.46 2.55 50.20
N SER D 205 -18.87 3.73 50.60
CA SER D 205 -18.95 4.08 51.99
C SER D 205 -20.35 4.40 52.41
N SER D 206 -21.33 4.05 51.62
CA SER D 206 -22.71 4.42 51.88
C SER D 206 -22.92 5.86 52.35
N THR D 207 -22.52 6.83 51.53
CA THR D 207 -22.62 8.27 51.79
C THR D 207 -23.57 8.91 50.79
N LYS D 208 -24.48 9.73 51.30
CA LYS D 208 -25.31 10.59 50.46
C LYS D 208 -25.39 11.95 51.13
N VAL D 209 -24.79 12.96 50.49
CA VAL D 209 -24.78 14.30 51.07
C VAL D 209 -25.42 15.31 50.12
N ASP D 210 -26.30 16.15 50.66
CA ASP D 210 -26.89 17.24 49.93
C ASP D 210 -26.30 18.54 50.45
N LYS D 211 -25.67 19.31 49.59
CA LYS D 211 -25.07 20.58 50.02
C LYS D 211 -25.66 21.76 49.29
N LYS D 212 -26.49 22.53 50.00
CA LYS D 212 -27.06 23.76 49.44
C LYS D 212 -25.99 24.83 49.34
N ILE D 213 -25.84 25.42 48.17
CA ILE D 213 -24.89 26.52 47.98
C ILE D 213 -25.53 27.83 48.41
N GLU D 214 -24.90 28.42 49.42
CA GLU D 214 -25.48 29.48 50.18
C GLU D 214 -24.64 30.73 50.11
N PRO D 215 -25.36 31.91 49.90
CA PRO D 215 -24.53 33.10 49.91
C PRO D 215 -23.64 33.21 51.13
N GLN E 1 13.76 -4.84 17.18
CA GLN E 1 13.48 -3.77 18.13
C GLN E 1 12.97 -2.51 17.40
N ILE E 2 11.72 -2.55 16.96
CA ILE E 2 11.18 -1.51 16.09
C ILE E 2 10.21 -0.55 16.79
N VAL E 3 10.56 0.73 16.75
CA VAL E 3 9.84 1.80 17.42
C VAL E 3 8.96 2.59 16.45
N LEU E 4 7.75 2.93 16.89
CA LEU E 4 6.79 3.62 16.04
C LEU E 4 6.53 5.06 16.53
N THR E 5 6.58 6.01 15.61
CA THR E 5 6.37 7.42 15.91
C THR E 5 5.14 8.00 15.19
N GLN E 6 4.19 8.52 15.95
CA GLN E 6 2.97 9.08 15.38
C GLN E 6 3.01 10.60 15.41
N SER E 7 2.74 11.19 14.25
CA SER E 7 2.66 12.64 14.15
C SER E 7 1.41 13.06 13.39
N PRO E 8 0.82 14.18 13.83
CA PRO E 8 1.28 14.84 15.07
C PRO E 8 0.58 14.26 16.29
N ALA E 9 1.03 14.63 17.47
CA ALA E 9 0.49 14.08 18.71
C ALA E 9 -0.97 14.49 18.92
N ILE E 10 -1.31 15.72 18.54
CA ILE E 10 -2.71 16.18 18.61
C ILE E 10 -3.11 16.89 17.32
N MET E 11 -4.34 16.61 16.86
CA MET E 11 -4.90 17.21 15.64
C MET E 11 -6.27 17.82 15.87
N SER E 12 -6.60 18.85 15.09
CA SER E 12 -7.91 19.52 15.21
C SER E 12 -8.62 19.57 13.87
N ALA E 13 -9.87 19.14 13.83
CA ALA E 13 -10.60 19.07 12.57
C ALA E 13 -12.11 19.36 12.75
N SER E 14 -12.74 19.88 11.71
CA SER E 14 -14.19 20.09 11.72
C SER E 14 -14.85 19.05 10.84
N PRO E 15 -16.06 18.59 11.23
CA PRO E 15 -16.81 17.59 10.45
C PRO E 15 -16.84 17.99 8.99
N GLY E 16 -16.80 17.00 8.09
CA GLY E 16 -16.59 17.26 6.67
C GLY E 16 -15.12 17.13 6.24
N GLU E 17 -14.22 17.80 6.97
CA GLU E 17 -12.79 17.81 6.66
C GLU E 17 -12.15 16.45 6.48
N LYS E 18 -10.98 16.46 5.83
CA LYS E 18 -10.21 15.25 5.65
C LYS E 18 -9.14 15.27 6.73
N VAL E 19 -8.75 14.08 7.22
CA VAL E 19 -7.57 13.96 8.09
C VAL E 19 -6.66 12.82 7.66
N THR E 20 -5.38 13.03 7.91
CA THR E 20 -4.36 12.03 7.67
C THR E 20 -3.49 11.96 8.93
N MET E 21 -3.34 10.76 9.49
CA MET E 21 -2.41 10.57 10.60
C MET E 21 -1.26 9.73 10.08
N THR E 22 -0.04 10.16 10.30
CA THR E 22 1.04 9.31 9.85
C THR E 22 1.61 8.49 10.98
N CYS E 23 2.06 7.28 10.65
CA CYS E 23 2.83 6.47 11.57
C CYS E 23 4.12 6.09 10.90
N SER E 24 5.23 6.52 11.49
CA SER E 24 6.55 6.24 10.96
C SER E 24 7.35 5.24 11.80
N ALA E 25 7.75 4.12 11.19
CA ALA E 25 8.54 3.11 11.90
C ALA E 25 10.04 3.34 11.73
N SER E 26 10.80 2.87 12.72
CA SER E 26 12.25 3.04 12.71
C SER E 26 12.92 2.08 11.74
N SER E 27 12.20 1.01 11.42
CA SER E 27 12.75 -0.04 10.60
C SER E 27 11.59 -0.66 9.85
N THR E 28 11.88 -1.32 8.73
CA THR E 28 10.83 -1.90 7.89
C THR E 28 9.98 -2.85 8.68
N VAL E 29 8.66 -2.70 8.57
CA VAL E 29 7.73 -3.64 9.19
C VAL E 29 6.93 -4.27 8.07
N SER E 30 6.41 -5.47 8.31
CA SER E 30 5.59 -6.11 7.29
C SER E 30 4.30 -5.36 7.06
N TYR E 31 3.57 -5.15 8.15
CA TYR E 31 2.26 -4.51 8.12
C TYR E 31 2.11 -3.52 9.25
N MET E 32 1.21 -2.57 9.06
CA MET E 32 0.85 -1.65 10.12
C MET E 32 -0.57 -1.96 10.46
N TYR E 33 -0.91 -1.89 11.74
CA TYR E 33 -2.29 -2.07 12.19
C TYR E 33 -2.78 -0.81 12.90
N TRP E 34 -4.07 -0.54 12.80
CA TRP E 34 -4.62 0.69 13.36
C TRP E 34 -5.82 0.48 14.31
N TYR E 35 -5.89 1.30 15.36
CA TYR E 35 -7.00 1.19 16.31
C TYR E 35 -7.51 2.55 16.73
N GLN E 36 -8.78 2.56 17.13
CA GLN E 36 -9.43 3.75 17.66
C GLN E 36 -9.80 3.58 19.13
N GLN E 37 -9.51 4.58 19.97
CA GLN E 37 -9.93 4.52 21.36
C GLN E 37 -10.53 5.81 21.91
N LYS E 38 -11.80 5.75 22.30
CA LYS E 38 -12.43 6.84 23.04
C LYS E 38 -12.31 6.57 24.54
N PRO E 39 -12.40 7.62 25.38
CA PRO E 39 -12.18 7.43 26.82
C PRO E 39 -13.24 6.57 27.49
N GLY E 40 -12.79 5.66 28.35
CA GLY E 40 -13.66 4.82 29.13
C GLY E 40 -14.16 3.65 28.32
N SER E 41 -13.54 3.41 27.16
CA SER E 41 -13.87 2.20 26.39
C SER E 41 -12.65 1.43 25.90
N SER E 42 -12.91 0.33 25.23
CA SER E 42 -11.89 -0.52 24.64
C SER E 42 -11.36 0.02 23.33
N PRO E 43 -10.12 -0.35 22.99
CA PRO E 43 -9.60 -0.13 21.64
C PRO E 43 -10.46 -0.85 20.61
N ARG E 44 -10.65 -0.22 19.47
CA ARG E 44 -11.43 -0.83 18.38
C ARG E 44 -10.62 -0.97 17.11
N PHE E 45 -10.38 -2.21 16.70
CA PHE E 45 -9.67 -2.54 15.45
C PHE E 45 -10.25 -1.76 14.29
N LEU E 46 -9.39 -1.07 13.54
CA LEU E 46 -9.81 -0.30 12.38
C LEU E 46 -9.29 -0.86 11.08
N ILE E 47 -7.97 -1.06 11.05
CA ILE E 47 -7.29 -1.49 9.84
C ILE E 47 -6.37 -2.67 10.10
N SER E 48 -6.61 -3.74 9.34
CA SER E 48 -5.76 -4.92 9.31
C SER E 48 -4.83 -4.94 8.09
N ASP E 49 -3.58 -5.35 8.31
CA ASP E 49 -2.62 -5.54 7.22
C ASP E 49 -2.44 -4.29 6.35
N THR E 50 -2.13 -3.18 7.00
CA THR E 50 -1.86 -1.90 6.35
C THR E 50 -3.08 -1.27 5.68
N SER E 51 -3.93 -2.07 5.01
CA SER E 51 -5.00 -1.44 4.22
C SER E 51 -6.30 -2.20 4.15
N ASN E 52 -6.45 -3.27 4.94
CA ASN E 52 -7.72 -3.98 4.95
C ASN E 52 -8.63 -3.50 6.07
N LEU E 53 -9.72 -2.86 5.67
CA LEU E 53 -10.73 -2.38 6.58
C LEU E 53 -11.16 -3.50 7.51
N ALA E 54 -11.27 -3.19 8.80
CA ALA E 54 -11.77 -4.16 9.77
C ALA E 54 -13.29 -4.18 9.69
N SER E 55 -13.90 -5.27 10.14
CA SER E 55 -15.31 -5.49 9.94
C SER E 55 -16.15 -4.53 10.77
N GLY E 56 -17.13 -3.91 10.14
CA GLY E 56 -18.01 -3.01 10.85
C GLY E 56 -17.47 -1.59 10.87
N VAL E 57 -16.24 -1.44 10.40
CA VAL E 57 -15.66 -0.12 10.26
C VAL E 57 -16.20 0.57 8.99
N PRO E 58 -16.69 1.81 9.15
CA PRO E 58 -17.16 2.65 8.05
C PRO E 58 -16.09 2.86 6.98
N VAL E 59 -16.48 2.86 5.70
CA VAL E 59 -15.52 2.93 4.61
C VAL E 59 -14.78 4.27 4.46
N ARG E 60 -15.19 5.27 5.23
CA ARG E 60 -14.49 6.54 5.19
C ARG E 60 -13.13 6.45 5.88
N PHE E 61 -12.89 5.34 6.59
CA PHE E 61 -11.58 5.03 7.13
C PHE E 61 -10.75 4.28 6.08
N SER E 62 -9.48 4.63 5.92
CA SER E 62 -8.64 3.82 5.06
C SER E 62 -7.19 3.87 5.52
N GLY E 63 -6.43 2.83 5.20
CA GLY E 63 -5.03 2.77 5.59
C GLY E 63 -4.14 2.46 4.41
N SER E 64 -2.91 2.99 4.44
CA SER E 64 -2.01 2.83 3.30
C SER E 64 -0.55 2.97 3.70
N GLY E 65 0.32 2.95 2.70
CA GLY E 65 1.75 3.06 2.92
C GLY E 65 2.49 1.74 2.76
N SER E 66 3.77 1.76 3.10
CA SER E 66 4.62 0.58 3.02
C SER E 66 5.97 0.96 3.57
N GLY E 67 6.86 -0.02 3.66
CA GLY E 67 8.21 0.21 4.11
C GLY E 67 8.25 0.60 5.56
N THR E 68 8.53 1.89 5.81
CA THR E 68 8.58 2.47 7.15
C THR E 68 7.59 3.60 7.30
N SER E 69 6.73 3.79 6.30
CA SER E 69 5.83 4.93 6.26
C SER E 69 4.37 4.51 6.05
N TYR E 70 3.53 4.79 7.04
CA TYR E 70 2.13 4.40 6.99
C TYR E 70 1.23 5.52 7.47
N SER E 71 -0.01 5.49 7.05
CA SER E 71 -0.91 6.53 7.48
C SER E 71 -2.35 6.05 7.48
N LEU E 72 -3.21 6.81 8.15
CA LEU E 72 -4.61 6.44 8.34
C LEU E 72 -5.45 7.65 7.97
N THR E 73 -6.34 7.47 7.01
CA THR E 73 -7.03 8.58 6.38
C THR E 73 -8.51 8.50 6.65
N ILE E 74 -9.12 9.64 6.96
CA ILE E 74 -10.56 9.71 7.05
C ILE E 74 -11.07 10.71 6.02
N SER E 75 -11.68 10.19 4.96
CA SER E 75 -12.19 11.04 3.89
C SER E 75 -13.01 12.19 4.45
N ARG E 76 -14.18 11.89 5.01
CA ARG E 76 -15.01 12.91 5.64
C ARG E 76 -15.23 12.65 7.12
N ILE E 77 -14.59 13.47 7.96
CA ILE E 77 -14.72 13.33 9.41
C ILE E 77 -16.13 13.58 9.96
N GLU E 78 -16.59 12.70 10.84
CA GLU E 78 -17.81 12.95 11.62
C GLU E 78 -17.46 13.47 13.02
N ALA E 79 -18.44 14.03 13.73
CA ALA E 79 -18.20 14.39 15.13
C ALA E 79 -17.74 13.16 15.93
N GLU E 80 -18.38 12.03 15.72
CA GLU E 80 -18.04 10.82 16.45
C GLU E 80 -16.66 10.20 16.20
N ASP E 81 -15.82 10.83 15.36
CA ASP E 81 -14.50 10.29 15.08
C ASP E 81 -13.43 10.87 16.00
N ALA E 82 -13.83 11.79 16.86
CA ALA E 82 -12.88 12.31 17.84
C ALA E 82 -12.49 11.17 18.75
N ALA E 83 -11.19 10.90 18.82
CA ALA E 83 -10.69 9.73 19.54
C ALA E 83 -9.19 9.78 19.63
N THR E 84 -8.61 8.71 20.14
CA THR E 84 -7.18 8.57 19.98
C THR E 84 -6.99 7.47 18.96
N TYR E 85 -6.00 7.64 18.09
CA TYR E 85 -5.72 6.66 17.05
C TYR E 85 -4.34 6.13 17.20
N TYR E 86 -4.24 4.81 17.27
CA TYR E 86 -3.00 4.10 17.51
C TYR E 86 -2.54 3.31 16.28
N CYS E 87 -1.24 3.35 15.99
CA CYS E 87 -0.70 2.41 15.01
C CYS E 87 0.06 1.34 15.77
N GLN E 88 0.24 0.20 15.12
CA GLN E 88 0.82 -0.94 15.81
C GLN E 88 1.45 -1.95 14.83
N HIS E 89 2.67 -2.39 15.14
CA HIS E 89 3.35 -3.41 14.34
C HIS E 89 3.61 -4.65 15.18
N TRP E 90 3.93 -5.75 14.51
CA TRP E 90 4.28 -7.00 15.17
C TRP E 90 5.22 -7.76 14.24
N SER E 91 6.24 -7.06 13.75
CA SER E 91 7.21 -7.64 12.83
C SER E 91 8.47 -8.09 13.55
N SER E 92 8.53 -7.81 14.85
CA SER E 92 9.72 -7.99 15.64
C SER E 92 9.37 -7.86 17.12
N TYR E 93 10.19 -8.46 17.97
CA TYR E 93 10.00 -8.37 19.41
C TYR E 93 10.54 -7.03 19.93
N PRO E 94 9.73 -6.29 20.71
CA PRO E 94 8.33 -6.54 21.08
C PRO E 94 7.26 -5.93 20.15
N LEU E 95 6.07 -6.50 20.22
CA LEU E 95 4.88 -5.92 19.63
C LEU E 95 4.73 -4.50 20.16
N THR E 96 4.60 -3.53 19.28
CA THR E 96 4.70 -2.13 19.69
C THR E 96 3.58 -1.26 19.14
N PHE E 97 2.99 -0.45 20.02
CA PHE E 97 2.02 0.60 19.65
C PHE E 97 2.71 1.93 19.54
N GLY E 98 2.15 2.83 18.74
CA GLY E 98 2.61 4.20 18.72
C GLY E 98 2.01 4.94 19.89
N GLY E 99 2.42 6.19 20.09
CA GLY E 99 1.92 7.01 21.17
C GLY E 99 0.49 7.45 20.99
N GLY E 100 0.01 7.37 19.76
CA GLY E 100 -1.34 7.79 19.44
C GLY E 100 -1.36 9.21 18.90
N THR E 101 -2.33 9.49 18.05
CA THR E 101 -2.66 10.84 17.67
C THR E 101 -4.05 11.16 18.23
N LYS E 102 -4.15 12.20 19.03
CA LYS E 102 -5.46 12.64 19.52
C LYS E 102 -6.14 13.60 18.51
N LEU E 103 -7.27 13.18 17.97
CA LEU E 103 -8.06 13.98 17.08
C LEU E 103 -9.21 14.69 17.84
N GLU E 104 -9.05 15.99 18.12
CA GLU E 104 -10.13 16.80 18.72
C GLU E 104 -10.94 17.62 17.66
N LEU E 105 -12.11 18.12 18.01
CA LEU E 105 -12.90 18.88 17.03
C LEU E 105 -12.55 20.37 17.06
N LYS E 106 -12.65 20.98 15.89
CA LYS E 106 -12.34 22.38 15.75
C LYS E 106 -13.48 23.32 16.10
N ARG E 107 -13.13 24.35 16.83
CA ARG E 107 -14.10 25.25 17.37
C ARG E 107 -13.58 26.62 17.13
N ALA E 108 -14.49 27.57 17.20
CA ALA E 108 -14.13 28.95 17.23
C ALA E 108 -13.39 29.20 18.54
N ASP E 109 -12.20 29.77 18.45
CA ASP E 109 -11.37 30.03 19.60
C ASP E 109 -12.16 30.67 20.73
N ALA E 110 -11.61 30.63 21.93
CA ALA E 110 -12.28 31.17 23.09
C ALA E 110 -11.41 31.24 24.34
N ALA E 111 -11.68 32.25 25.14
CA ALA E 111 -11.06 32.55 26.42
C ALA E 111 -11.80 31.82 27.52
N PRO E 112 -11.08 31.34 28.54
CA PRO E 112 -11.75 30.67 29.66
C PRO E 112 -12.55 31.65 30.49
N THR E 113 -13.74 31.25 30.91
CA THR E 113 -14.48 31.99 31.93
C THR E 113 -13.91 31.59 33.29
N VAL E 114 -13.28 32.55 33.96
CA VAL E 114 -12.56 32.26 35.19
C VAL E 114 -13.37 32.64 36.44
N SER E 115 -13.45 31.70 37.38
CA SER E 115 -14.15 31.93 38.64
C SER E 115 -13.28 31.44 39.80
N ILE E 116 -13.18 32.24 40.85
CA ILE E 116 -12.38 31.88 42.01
C ILE E 116 -13.29 31.72 43.23
N PHE E 117 -12.94 30.77 44.09
CA PHE E 117 -13.71 30.54 45.30
C PHE E 117 -12.88 30.44 46.55
N PRO E 118 -13.60 30.80 47.70
CA PRO E 118 -12.77 30.80 48.89
C PRO E 118 -13.14 29.59 49.67
N PRO E 119 -12.19 29.20 50.63
CA PRO E 119 -12.62 28.07 51.45
C PRO E 119 -13.99 28.24 52.03
N SER E 120 -14.72 27.15 52.25
CA SER E 120 -15.89 27.23 53.11
C SER E 120 -15.46 27.23 54.58
N SER E 121 -16.26 27.84 55.43
CA SER E 121 -15.97 27.85 56.86
C SER E 121 -16.00 26.44 57.42
N GLU E 122 -16.84 25.60 56.82
CA GLU E 122 -16.90 24.18 57.15
C GLU E 122 -15.52 23.53 57.04
N GLN E 123 -14.90 23.73 55.90
CA GLN E 123 -13.58 23.27 55.77
C GLN E 123 -12.81 23.72 56.96
N LEU E 124 -12.68 25.02 56.98
CA LEU E 124 -11.69 25.76 57.77
C LEU E 124 -11.72 25.20 59.20
N THR E 125 -12.93 24.95 59.70
CA THR E 125 -13.09 24.34 61.01
C THR E 125 -12.39 22.97 61.08
N SER E 126 -12.40 22.24 59.98
CA SER E 126 -11.74 20.93 59.88
C SER E 126 -10.25 21.02 59.90
N GLY E 127 -9.72 22.21 59.69
CA GLY E 127 -8.31 22.49 59.74
C GLY E 127 -7.67 22.68 58.37
N GLY E 128 -8.48 22.64 57.33
CA GLY E 128 -8.01 22.71 55.96
C GLY E 128 -8.53 23.93 55.22
N ALA E 129 -7.83 24.25 54.13
CA ALA E 129 -8.02 25.48 53.38
C ALA E 129 -7.89 25.19 51.90
N SER E 130 -9.01 25.18 51.20
CA SER E 130 -8.96 24.86 49.78
C SER E 130 -9.49 25.96 48.88
N VAL E 131 -8.59 26.58 48.11
CA VAL E 131 -9.03 27.65 47.24
C VAL E 131 -9.21 27.04 45.85
N VAL E 132 -10.38 27.25 45.26
CA VAL E 132 -10.73 26.60 44.00
C VAL E 132 -10.94 27.62 42.88
N CYS E 133 -10.41 27.33 41.70
CA CYS E 133 -10.57 28.19 40.55
C CYS E 133 -11.05 27.36 39.35
N PHE E 134 -12.17 27.78 38.79
CA PHE E 134 -12.66 27.14 37.59
C PHE E 134 -12.35 28.03 36.43
N LEU E 135 -11.74 27.49 35.40
CA LEU E 135 -11.66 28.16 34.15
C LEU E 135 -12.47 27.40 33.16
N ASN E 136 -13.65 27.88 32.81
CA ASN E 136 -14.56 27.12 31.97
C ASN E 136 -14.58 27.46 30.49
N ASN E 137 -14.76 26.45 29.66
CA ASN E 137 -15.13 26.65 28.27
C ASN E 137 -14.12 27.42 27.42
N PHE E 138 -12.89 26.92 27.36
CA PHE E 138 -11.88 27.54 26.54
C PHE E 138 -11.45 26.63 25.40
N TYR E 139 -10.70 27.18 24.45
CA TYR E 139 -10.15 26.41 23.34
C TYR E 139 -8.97 27.15 22.72
N PRO E 140 -7.89 26.40 22.41
CA PRO E 140 -7.74 24.96 22.63
C PRO E 140 -7.22 24.65 24.03
N LYS E 141 -7.00 23.37 24.29
CA LYS E 141 -6.42 23.01 25.55
C LYS E 141 -5.08 23.71 25.59
N ASP E 142 -4.83 24.43 26.68
CA ASP E 142 -3.51 24.96 26.87
C ASP E 142 -3.42 25.78 28.13
N ILE E 143 -4.49 26.47 28.46
CA ILE E 143 -4.49 27.43 29.54
C ILE E 143 -3.70 27.06 30.75
N ASN E 144 -2.58 27.71 30.93
CA ASN E 144 -1.82 27.58 32.16
C ASN E 144 -2.49 28.36 33.28
N VAL E 145 -2.41 27.80 34.46
CA VAL E 145 -2.79 28.51 35.63
C VAL E 145 -1.52 28.54 36.44
N LYS E 146 -1.54 29.35 37.48
CA LYS E 146 -0.41 29.58 38.33
C LYS E 146 -1.07 30.33 39.44
N TRP E 147 -0.71 30.03 40.68
CA TRP E 147 -1.38 30.59 41.84
C TRP E 147 -0.53 31.67 42.52
N LYS E 148 -1.18 32.66 43.12
CA LYS E 148 -0.48 33.62 43.94
C LYS E 148 -1.37 34.11 45.07
N GLN E 155 3.56 28.05 43.77
CA GLN E 155 3.61 26.91 42.84
C GLN E 155 3.29 25.56 43.50
N ASN E 156 3.59 25.43 44.79
CA ASN E 156 3.33 24.17 45.48
C ASN E 156 1.92 24.08 46.06
N GLY E 157 1.37 22.87 46.07
CA GLY E 157 0.05 22.64 46.64
C GLY E 157 -1.09 22.78 45.65
N VAL E 158 -0.77 22.74 44.36
CA VAL E 158 -1.75 22.93 43.32
C VAL E 158 -2.11 21.61 42.63
N LEU E 159 -3.40 21.37 42.45
CA LEU E 159 -3.87 20.21 41.71
C LEU E 159 -4.85 20.61 40.63
N ASN E 160 -4.64 20.09 39.43
CA ASN E 160 -5.45 20.45 38.27
C ASN E 160 -6.25 19.28 37.72
N SER E 161 -7.35 19.58 37.04
CA SER E 161 -8.16 18.54 36.42
C SER E 161 -8.89 19.07 35.18
N TRP E 162 -8.73 18.38 34.06
CA TRP E 162 -9.33 18.80 32.80
C TRP E 162 -10.54 17.96 32.39
N THR E 163 -11.59 18.61 31.90
CA THR E 163 -12.66 17.88 31.24
C THR E 163 -12.24 17.58 29.80
N ASP E 164 -12.88 16.62 29.17
CA ASP E 164 -12.68 16.38 27.76
C ASP E 164 -13.54 17.39 26.99
N GLN E 165 -13.57 17.29 25.67
CA GLN E 165 -14.35 18.18 24.81
C GLN E 165 -15.85 18.17 25.13
N ASP E 166 -16.49 19.31 25.30
CA ASP E 166 -17.91 19.16 25.55
C ASP E 166 -18.59 18.59 24.35
N SER E 167 -19.37 17.54 24.53
CA SER E 167 -20.05 16.93 23.40
C SER E 167 -21.08 17.86 22.82
N LYS E 168 -21.03 19.10 23.25
CA LYS E 168 -22.00 20.07 22.85
C LYS E 168 -21.28 21.24 22.25
N ASP E 169 -20.61 22.03 23.06
CA ASP E 169 -19.94 23.20 22.53
C ASP E 169 -18.54 22.98 22.03
N SER E 170 -17.94 21.87 22.39
CA SER E 170 -16.61 21.56 21.93
C SER E 170 -15.46 22.34 22.54
N THR E 171 -15.68 23.00 23.68
CA THR E 171 -14.60 23.60 24.45
C THR E 171 -14.09 22.63 25.50
N TYR E 172 -13.05 23.06 26.21
CA TYR E 172 -12.53 22.32 27.34
C TYR E 172 -12.69 23.16 28.60
N SER E 173 -12.71 22.55 29.77
CA SER E 173 -12.71 23.35 30.98
C SER E 173 -11.68 22.84 31.94
N MET E 174 -11.30 23.66 32.90
CA MET E 174 -10.21 23.32 33.77
C MET E 174 -10.61 23.56 35.18
N SER E 175 -10.02 22.83 36.09
CA SER E 175 -10.24 23.08 37.50
C SER E 175 -8.92 23.03 38.21
N SER E 176 -8.66 24.04 38.99
CA SER E 176 -7.40 24.11 39.71
C SER E 176 -7.65 24.38 41.19
N THR E 177 -6.97 23.64 42.05
CA THR E 177 -7.18 23.76 43.49
C THR E 177 -5.88 23.95 44.24
N LEU E 178 -5.78 25.09 44.92
CA LEU E 178 -4.68 25.37 45.84
C LEU E 178 -5.07 24.94 47.26
N THR E 179 -4.32 24.01 47.84
CA THR E 179 -4.62 23.55 49.19
C THR E 179 -3.62 24.06 50.22
N LEU E 180 -4.14 24.64 51.30
CA LEU E 180 -3.33 25.16 52.39
C LEU E 180 -3.89 24.69 53.73
N THR E 181 -3.09 24.78 54.78
CA THR E 181 -3.62 24.58 56.12
C THR E 181 -4.39 25.84 56.49
N LYS E 182 -5.40 25.71 57.32
CA LYS E 182 -6.16 26.83 57.78
C LYS E 182 -5.25 27.92 58.32
N ASP E 183 -4.14 27.54 58.90
CA ASP E 183 -3.28 28.50 59.53
C ASP E 183 -2.50 29.32 58.52
N GLU E 184 -1.90 28.70 57.54
CA GLU E 184 -1.19 29.45 56.50
C GLU E 184 -2.15 30.26 55.62
N TYR E 185 -3.40 29.81 55.54
CA TYR E 185 -4.43 30.53 54.81
C TYR E 185 -4.81 31.84 55.48
N GLU E 186 -4.86 31.84 56.81
CA GLU E 186 -5.32 33.00 57.56
C GLU E 186 -4.20 34.01 57.82
N THR E 192 -4.25 34.92 44.17
CA THR E 192 -4.33 34.95 42.72
C THR E 192 -4.27 33.64 41.94
N CYS E 193 -4.74 33.73 40.71
CA CYS E 193 -5.20 32.63 39.91
C CYS E 193 -5.00 33.08 38.45
N GLU E 194 -3.88 32.70 37.85
CA GLU E 194 -3.51 33.34 36.60
C GLU E 194 -3.66 32.55 35.32
N ALA E 195 -4.76 32.79 34.65
CA ALA E 195 -5.07 32.15 33.41
C ALA E 195 -4.28 32.79 32.30
N THR E 196 -3.67 31.95 31.46
CA THR E 196 -2.89 32.39 30.31
C THR E 196 -3.03 31.42 29.15
N HIS E 197 -3.72 31.84 28.10
CA HIS E 197 -4.01 30.94 26.99
C HIS E 197 -2.71 30.34 26.49
N ILE E 204 -6.65 36.73 31.34
CA ILE E 204 -7.60 36.91 32.44
C ILE E 204 -7.13 36.17 33.68
N VAL E 205 -7.67 36.60 34.92
CA VAL E 205 -6.97 36.15 36.11
C VAL E 205 -7.46 36.89 37.35
N LYS E 206 -8.65 36.30 37.87
CA LYS E 206 -9.33 36.90 39.00
C LYS E 206 -8.46 36.84 40.25
N SER E 207 -9.02 37.28 41.38
CA SER E 207 -8.33 37.28 42.61
C SER E 207 -9.32 37.54 43.70
N PHE E 208 -8.90 37.28 44.93
CA PHE E 208 -9.72 37.62 46.07
C PHE E 208 -8.77 38.07 47.14
N ASN E 209 -9.26 38.23 48.37
CA ASN E 209 -8.42 38.67 49.48
C ASN E 209 -8.76 37.96 50.78
N ARG E 210 -9.83 37.17 50.75
CA ARG E 210 -10.28 36.44 51.94
C ARG E 210 -10.70 37.40 53.05
N ASN E 211 -9.95 38.49 53.19
CA ASN E 211 -10.24 39.50 54.21
C ASN E 211 -11.65 40.05 54.08
N GLU E 212 -11.99 40.53 52.89
CA GLU E 212 -13.32 41.09 52.63
C GLU E 212 -13.99 40.45 51.44
N CYS F 1 23.64 -25.49 24.92
CA CYS F 1 23.62 -24.60 23.76
C CYS F 1 22.52 -24.99 22.75
N SER F 2 21.30 -25.18 23.25
CA SER F 2 20.20 -25.58 22.37
C SER F 2 18.98 -24.68 22.55
N MET F 3 19.19 -23.38 22.74
CA MET F 3 18.07 -22.45 23.01
C MET F 3 17.55 -21.82 21.73
N PRO F 4 16.21 -21.60 21.65
CA PRO F 4 15.55 -21.02 20.48
C PRO F 4 16.19 -19.71 20.06
N LEU F 5 16.45 -19.56 18.76
CA LEU F 5 17.21 -18.41 18.28
C LEU F 5 16.30 -17.25 17.89
N GLY F 6 15.01 -17.43 18.05
CA GLY F 6 14.09 -16.30 17.99
C GLY F 6 13.18 -16.25 16.79
N MET F 7 12.78 -17.41 16.29
CA MET F 7 11.77 -17.47 15.27
C MET F 7 10.44 -17.27 15.94
N GLU F 8 10.18 -18.14 16.90
CA GLU F 8 8.93 -18.14 17.66
C GLU F 8 8.69 -16.86 18.46
N SER F 9 9.74 -16.34 19.09
CA SER F 9 9.59 -15.15 19.91
C SER F 9 9.55 -13.88 19.06
N LYS F 10 10.12 -13.97 17.85
CA LYS F 10 10.22 -12.89 16.87
C LYS F 10 11.37 -11.95 17.18
N ALA F 11 12.31 -12.37 18.02
CA ALA F 11 13.56 -11.61 18.12
C ALA F 11 14.32 -11.68 16.79
N ILE F 12 13.99 -12.68 15.98
CA ILE F 12 14.31 -12.70 14.56
C ILE F 12 13.12 -12.08 13.85
N SER F 13 13.29 -10.84 13.40
CA SER F 13 12.22 -10.07 12.79
C SER F 13 11.83 -10.64 11.42
N ASP F 14 10.62 -10.28 10.98
CA ASP F 14 10.12 -10.64 9.64
C ASP F 14 11.11 -10.29 8.53
N ALA F 15 11.83 -9.18 8.70
CA ALA F 15 12.71 -8.71 7.63
C ALA F 15 13.92 -9.63 7.47
N GLN F 16 14.24 -10.38 8.52
CA GLN F 16 15.41 -11.26 8.56
C GLN F 16 15.10 -12.61 7.95
N ILE F 17 13.84 -12.82 7.64
CA ILE F 17 13.39 -14.09 7.14
C ILE F 17 12.92 -13.97 5.71
N THR F 18 13.67 -14.58 4.79
CA THR F 18 13.31 -14.55 3.38
C THR F 18 13.19 -15.95 2.77
N ALA F 19 13.11 -16.01 1.45
CA ALA F 19 12.83 -17.24 0.73
C ALA F 19 13.09 -17.06 -0.75
N SER F 20 13.08 -18.17 -1.48
CA SER F 20 13.17 -18.09 -2.92
C SER F 20 11.83 -17.60 -3.45
N SER F 21 10.74 -18.09 -2.86
CA SER F 21 9.41 -17.66 -3.27
C SER F 21 8.34 -17.90 -2.20
N TYR F 22 7.15 -17.35 -2.44
CA TYR F 22 6.04 -17.62 -1.56
C TYR F 22 4.67 -17.45 -2.20
N PHE F 23 3.77 -18.37 -1.84
CA PHE F 23 2.40 -18.46 -2.33
C PHE F 23 1.56 -17.24 -1.92
N THR F 24 0.79 -16.69 -2.85
CA THR F 24 -0.13 -15.57 -2.56
C THR F 24 -1.45 -15.75 -3.30
N ASN F 25 -2.56 -15.44 -2.64
CA ASN F 25 -3.79 -15.14 -3.38
C ASN F 25 -4.50 -13.97 -2.74
N MET F 26 -5.78 -13.80 -3.03
CA MET F 26 -6.48 -12.63 -2.52
C MET F 26 -6.81 -12.84 -1.08
N PHE F 27 -6.81 -14.12 -0.71
CA PHE F 27 -7.32 -14.54 0.57
C PHE F 27 -6.22 -14.89 1.56
N ALA F 28 -4.98 -14.93 1.09
CA ALA F 28 -3.91 -15.39 1.97
C ALA F 28 -2.50 -15.13 1.42
N THR F 29 -1.56 -14.95 2.34
CA THR F 29 -0.15 -14.91 2.03
C THR F 29 0.62 -15.78 3.03
N TRP F 30 1.35 -16.75 2.49
CA TRP F 30 2.10 -17.71 3.27
C TRP F 30 3.56 -17.31 3.21
N SER F 31 3.82 -16.09 3.69
CA SER F 31 5.12 -15.45 3.53
C SER F 31 6.23 -16.10 4.36
N PRO F 32 7.49 -15.84 3.99
CA PRO F 32 8.64 -16.33 4.74
C PRO F 32 8.55 -16.07 6.25
N SER F 33 7.87 -15.02 6.68
CA SER F 33 7.82 -14.70 8.10
C SER F 33 6.65 -15.40 8.79
N LYS F 34 5.90 -16.18 8.02
CA LYS F 34 4.87 -17.03 8.62
C LYS F 34 5.44 -18.40 9.05
N ALA F 35 6.77 -18.54 8.98
CA ALA F 35 7.42 -19.82 9.21
C ALA F 35 8.02 -19.92 10.61
N ARG F 36 7.22 -19.56 11.60
CA ARG F 36 7.66 -19.60 12.98
C ARG F 36 6.95 -20.75 13.68
N LEU F 37 7.71 -21.52 14.45
CA LEU F 37 7.16 -22.61 15.25
C LEU F 37 5.90 -22.20 16.01
N HIS F 38 4.85 -22.98 15.84
CA HIS F 38 3.66 -22.90 16.68
C HIS F 38 2.85 -21.67 16.39
N LEU F 39 3.25 -20.94 15.34
CA LEU F 39 2.50 -19.77 14.91
C LEU F 39 1.02 -20.14 14.79
N GLN F 40 0.14 -19.38 15.44
CA GLN F 40 -1.28 -19.61 15.28
C GLN F 40 -1.84 -18.65 14.23
N GLY F 41 -3.17 -18.57 14.14
CA GLY F 41 -3.83 -17.71 13.18
C GLY F 41 -3.88 -18.28 11.78
N ARG F 42 -4.44 -17.53 10.84
CA ARG F 42 -4.64 -17.99 9.48
C ARG F 42 -3.35 -18.03 8.66
N SER F 43 -3.32 -18.88 7.64
CA SER F 43 -2.19 -18.95 6.71
C SER F 43 -0.86 -19.02 7.44
N ASN F 44 -0.83 -19.85 8.49
CA ASN F 44 0.26 -19.83 9.46
C ASN F 44 1.43 -20.75 9.14
N ALA F 45 2.06 -20.53 7.98
CA ALA F 45 3.27 -21.27 7.55
C ALA F 45 3.77 -20.73 6.21
N TRP F 46 5.08 -20.69 6.02
CA TRP F 46 5.63 -20.32 4.73
C TRP F 46 5.33 -21.40 3.69
N ARG F 47 4.89 -20.95 2.52
CA ARG F 47 4.72 -21.85 1.41
C ARG F 47 5.46 -21.26 0.22
N PRO F 48 6.17 -22.11 -0.53
CA PRO F 48 6.72 -21.66 -1.81
C PRO F 48 5.62 -21.36 -2.79
N GLN F 49 5.95 -20.61 -3.84
CA GLN F 49 4.99 -20.30 -4.87
C GLN F 49 4.54 -21.59 -5.55
N VAL F 50 5.52 -22.45 -5.86
CA VAL F 50 5.25 -23.75 -6.48
C VAL F 50 6.00 -24.89 -5.77
N ASN F 51 5.31 -26.03 -5.62
CA ASN F 51 5.90 -27.24 -5.02
C ASN F 51 7.06 -27.79 -5.83
N ASN F 52 8.23 -27.84 -5.19
CA ASN F 52 9.47 -27.88 -5.94
C ASN F 52 10.69 -28.12 -5.06
N PRO F 53 11.51 -29.12 -5.43
CA PRO F 53 12.71 -29.49 -4.67
C PRO F 53 13.85 -28.47 -4.74
N LYS F 54 13.58 -27.28 -5.25
CA LYS F 54 14.64 -26.30 -5.44
C LYS F 54 14.39 -25.01 -4.68
N GLU F 55 13.27 -24.95 -3.96
CA GLU F 55 12.93 -23.82 -3.11
C GLU F 55 13.71 -23.83 -1.80
N TRP F 56 13.72 -22.70 -1.12
CA TRP F 56 14.39 -22.60 0.17
C TRP F 56 13.91 -21.39 0.96
N LEU F 57 13.87 -21.53 2.29
CA LEU F 57 13.59 -20.41 3.16
C LEU F 57 14.88 -19.98 3.87
N GLN F 58 15.15 -18.67 3.87
CA GLN F 58 16.40 -18.14 4.43
C GLN F 58 16.19 -17.51 5.81
N VAL F 59 17.26 -17.41 6.59
CA VAL F 59 17.21 -16.71 7.86
C VAL F 59 18.52 -16.01 8.06
N ASP F 60 18.47 -14.71 8.40
CA ASP F 60 19.69 -13.97 8.63
C ASP F 60 19.74 -13.54 10.09
N PHE F 61 20.72 -14.06 10.83
CA PHE F 61 20.87 -13.72 12.24
C PHE F 61 21.49 -12.35 12.38
N GLN F 62 21.97 -11.82 11.25
CA GLN F 62 22.61 -10.51 11.19
C GLN F 62 23.87 -10.48 12.05
N LYS F 63 24.46 -11.66 12.23
CA LYS F 63 25.61 -11.90 13.10
C LYS F 63 25.94 -13.40 13.09
N THR F 64 27.19 -13.78 13.35
CA THR F 64 27.51 -15.20 13.36
C THR F 64 26.99 -15.87 14.63
N MET F 65 26.29 -16.99 14.45
CA MET F 65 25.72 -17.74 15.55
C MET F 65 26.23 -19.17 15.56
N LYS F 66 26.44 -19.72 16.76
CA LYS F 66 26.66 -21.14 16.85
C LYS F 66 25.29 -21.79 16.71
N VAL F 67 25.07 -22.51 15.63
CA VAL F 67 23.76 -23.09 15.37
C VAL F 67 23.79 -24.59 15.61
N THR F 68 23.05 -25.04 16.61
CA THR F 68 23.17 -26.42 17.08
C THR F 68 21.87 -27.20 16.89
N GLY F 69 21.32 -27.14 15.68
CA GLY F 69 20.08 -27.83 15.40
C GLY F 69 18.97 -26.92 14.91
N VAL F 70 18.00 -27.52 14.26
CA VAL F 70 16.87 -26.82 13.68
C VAL F 70 15.62 -27.55 14.12
N THR F 71 14.49 -26.86 14.20
CA THR F 71 13.25 -27.52 14.55
C THR F 71 12.20 -27.21 13.50
N THR F 72 11.56 -28.22 12.94
CA THR F 72 10.60 -28.00 11.87
C THR F 72 9.22 -28.55 12.21
N GLN F 73 8.20 -28.00 11.56
CA GLN F 73 6.81 -28.29 11.88
C GLN F 73 5.93 -28.01 10.66
N GLY F 74 4.86 -28.78 10.49
CA GLY F 74 4.02 -28.63 9.32
C GLY F 74 2.90 -27.65 9.56
N VAL F 75 1.77 -27.88 8.91
CA VAL F 75 0.56 -27.09 9.11
C VAL F 75 -0.63 -27.79 8.46
N LYS F 76 -1.81 -27.52 8.98
CA LYS F 76 -3.04 -28.00 8.37
C LYS F 76 -3.93 -26.83 8.00
N SER F 77 -4.47 -26.86 6.78
CA SER F 77 -5.44 -25.85 6.34
C SER F 77 -6.60 -26.58 5.69
N LEU F 78 -7.82 -26.13 5.95
CA LEU F 78 -9.00 -26.94 5.68
C LEU F 78 -8.79 -28.25 6.39
N LEU F 79 -8.95 -29.35 5.67
CA LEU F 79 -8.64 -30.68 6.21
C LEU F 79 -7.43 -31.29 5.51
N THR F 80 -6.38 -30.49 5.33
CA THR F 80 -5.24 -30.92 4.56
C THR F 80 -3.94 -30.74 5.33
N SER F 81 -3.32 -31.85 5.70
CA SER F 81 -1.99 -31.78 6.31
C SER F 81 -0.99 -31.44 5.21
N MET F 82 -0.12 -30.47 5.50
CA MET F 82 0.96 -30.09 4.59
C MET F 82 2.26 -30.02 5.38
N TYR F 83 3.25 -30.79 4.97
CA TYR F 83 4.52 -30.79 5.68
C TYR F 83 5.65 -31.34 4.80
N VAL F 84 6.87 -31.25 5.31
CA VAL F 84 8.07 -31.64 4.59
C VAL F 84 8.73 -32.87 5.22
N LYS F 85 8.81 -33.96 4.45
CA LYS F 85 9.45 -35.20 4.88
C LYS F 85 10.96 -35.07 5.07
N GLU F 86 11.61 -34.52 4.06
CA GLU F 86 13.06 -34.47 4.03
C GLU F 86 13.54 -33.10 3.53
N PHE F 87 14.68 -32.65 4.02
CA PHE F 87 15.24 -31.38 3.58
C PHE F 87 16.77 -31.35 3.67
N LEU F 88 17.38 -30.37 3.01
CA LEU F 88 18.81 -30.10 3.09
C LEU F 88 19.05 -28.84 3.89
N ILE F 89 20.31 -28.52 4.16
CA ILE F 89 20.65 -27.30 4.89
C ILE F 89 21.90 -26.61 4.37
N SER F 90 21.83 -25.30 4.15
CA SER F 90 22.99 -24.52 3.76
C SER F 90 23.33 -23.46 4.81
N SER F 91 24.55 -22.96 4.78
CA SER F 91 24.92 -21.81 5.59
C SER F 91 25.76 -20.86 4.75
N SER F 92 26.06 -19.68 5.29
CA SER F 92 26.80 -18.66 4.53
C SER F 92 27.32 -17.53 5.43
N GLN F 93 28.28 -16.76 4.94
CA GLN F 93 28.84 -15.64 5.69
C GLN F 93 28.73 -14.31 4.95
N ASP F 94 28.43 -14.38 3.65
CA ASP F 94 28.18 -13.18 2.86
C ASP F 94 26.72 -13.17 2.40
N GLY F 95 26.13 -14.34 2.23
CA GLY F 95 24.73 -14.43 1.87
C GLY F 95 24.54 -14.51 0.37
N HIS F 96 25.54 -15.06 -0.31
CA HIS F 96 25.46 -15.27 -1.75
C HIS F 96 26.10 -16.59 -2.14
N GLN F 97 27.32 -16.85 -1.68
CA GLN F 97 27.99 -18.11 -1.97
C GLN F 97 27.81 -19.04 -0.78
N TRP F 98 27.08 -20.14 -1.02
CA TRP F 98 26.54 -20.99 0.03
C TRP F 98 27.20 -22.34 0.17
N THR F 99 27.20 -22.82 1.42
CA THR F 99 27.79 -24.10 1.79
C THR F 99 26.71 -25.09 2.20
N LEU F 100 26.47 -26.11 1.39
CA LEU F 100 25.53 -27.16 1.79
C LEU F 100 26.11 -27.97 2.97
N PHE F 101 25.24 -28.52 3.80
CA PHE F 101 25.68 -29.34 4.91
C PHE F 101 25.90 -30.77 4.40
N PHE F 102 27.11 -31.07 3.94
CA PHE F 102 27.39 -32.45 3.55
C PHE F 102 28.06 -33.17 4.72
N GLN F 103 28.07 -34.49 4.65
CA GLN F 103 28.70 -35.33 5.67
C GLN F 103 28.91 -36.72 5.11
N ASN F 104 30.01 -37.37 5.51
CA ASN F 104 30.36 -38.72 5.06
C ASN F 104 30.30 -38.93 3.54
N GLY F 105 30.36 -37.86 2.76
CA GLY F 105 30.43 -37.99 1.31
C GLY F 105 29.30 -37.36 0.52
N LYS F 106 28.06 -37.63 0.90
CA LYS F 106 26.90 -37.08 0.21
C LYS F 106 26.48 -35.75 0.85
N VAL F 107 25.38 -35.17 0.40
CA VAL F 107 24.79 -34.04 1.11
C VAL F 107 23.92 -34.60 2.24
N LYS F 108 24.00 -34.00 3.41
CA LYS F 108 23.22 -34.52 4.52
C LYS F 108 21.73 -34.21 4.34
N VAL F 109 20.98 -35.23 3.97
CA VAL F 109 19.53 -35.19 4.01
C VAL F 109 19.08 -35.28 5.48
N PHE F 110 18.05 -34.54 5.84
CA PHE F 110 17.49 -34.60 7.20
C PHE F 110 16.06 -35.13 7.16
N GLN F 111 15.72 -35.98 8.11
CA GLN F 111 14.35 -36.48 8.21
C GLN F 111 13.48 -35.46 8.94
N GLY F 112 12.38 -35.06 8.31
CA GLY F 112 11.57 -33.98 8.83
C GLY F 112 10.26 -34.43 9.43
N ASN F 113 9.18 -33.82 8.98
CA ASN F 113 7.89 -34.10 9.58
C ASN F 113 7.25 -35.38 9.06
N GLN F 114 6.26 -35.83 9.81
CA GLN F 114 5.47 -37.00 9.45
C GLN F 114 4.00 -36.64 9.62
N ASP F 115 3.76 -35.39 10.02
CA ASP F 115 2.41 -34.87 10.23
C ASP F 115 2.38 -33.34 10.30
N SER F 116 1.18 -32.79 10.43
CA SER F 116 0.96 -31.37 10.29
C SER F 116 1.18 -30.52 11.53
N PHE F 117 1.50 -31.15 12.65
CA PHE F 117 1.66 -30.41 13.90
C PHE F 117 2.84 -30.72 14.81
N THR F 118 3.30 -31.96 14.80
CA THR F 118 4.38 -32.36 15.65
C THR F 118 5.65 -31.74 15.17
N PRO F 119 6.44 -31.20 16.08
CA PRO F 119 7.71 -30.61 15.66
C PRO F 119 8.90 -31.56 15.82
N VAL F 120 9.63 -31.81 14.72
CA VAL F 120 10.83 -32.63 14.76
C VAL F 120 12.10 -31.78 14.91
N VAL F 121 12.87 -32.03 15.96
CA VAL F 121 14.20 -31.44 16.09
C VAL F 121 15.20 -32.27 15.32
N ASN F 122 16.01 -31.62 14.51
CA ASN F 122 17.17 -32.29 13.99
C ASN F 122 18.41 -31.65 14.58
N SER F 123 19.13 -32.44 15.33
CA SER F 123 20.46 -32.03 15.76
C SER F 123 21.28 -31.91 14.50
N LEU F 124 22.05 -30.84 14.38
CA LEU F 124 23.07 -30.84 13.34
C LEU F 124 24.41 -30.65 14.00
N ASP F 125 25.27 -31.64 13.83
CA ASP F 125 26.62 -31.57 14.36
C ASP F 125 27.66 -32.13 13.38
N PRO F 126 28.84 -31.49 13.32
CA PRO F 126 29.30 -30.34 14.13
C PRO F 126 28.40 -29.09 14.02
N PRO F 127 28.37 -28.25 15.07
CA PRO F 127 27.48 -27.08 15.07
C PRO F 127 27.84 -26.06 13.99
N LEU F 128 26.88 -25.76 13.12
CA LEU F 128 27.10 -24.81 12.04
C LEU F 128 27.35 -23.39 12.53
N LEU F 129 28.61 -23.07 12.86
CA LEU F 129 28.98 -21.68 13.12
C LEU F 129 28.67 -20.82 11.88
N THR F 130 27.70 -19.91 11.98
CA THR F 130 27.15 -19.23 10.80
C THR F 130 26.36 -17.93 11.06
N ARG F 131 26.22 -17.10 10.03
CA ARG F 131 25.35 -15.93 10.11
C ARG F 131 24.04 -16.14 9.35
N TYR F 132 24.07 -16.92 8.28
CA TYR F 132 22.86 -17.22 7.52
C TYR F 132 22.53 -18.69 7.63
N LEU F 133 21.31 -19.05 7.29
CA LEU F 133 20.93 -20.44 7.33
C LEU F 133 19.84 -20.65 6.31
N ARG F 134 19.95 -21.74 5.55
CA ARG F 134 18.97 -22.03 4.51
C ARG F 134 18.41 -23.42 4.72
N ILE F 135 17.26 -23.68 4.13
CA ILE F 135 16.67 -25.00 4.24
C ILE F 135 15.90 -25.35 2.99
N HIS F 136 16.29 -26.45 2.34
CA HIS F 136 15.78 -26.80 1.03
C HIS F 136 14.88 -28.04 1.04
N PRO F 137 13.57 -27.84 1.31
CA PRO F 137 12.56 -28.91 1.36
C PRO F 137 12.66 -29.84 0.16
N GLN F 138 13.27 -31.00 0.36
CA GLN F 138 13.59 -31.92 -0.74
C GLN F 138 12.44 -32.87 -1.06
N SER F 139 11.60 -33.18 -0.08
CA SER F 139 10.40 -33.96 -0.36
C SER F 139 9.31 -33.63 0.63
N TRP F 140 8.05 -33.81 0.21
CA TRP F 140 6.91 -33.33 0.97
C TRP F 140 5.65 -34.17 0.80
N VAL F 141 4.65 -33.85 1.61
CA VAL F 141 3.37 -34.53 1.57
C VAL F 141 2.29 -33.51 1.29
N HIS F 142 1.54 -33.72 0.21
CA HIS F 142 0.55 -32.76 -0.29
C HIS F 142 1.50 -31.58 -0.56
N GLN F 143 1.28 -30.43 0.08
CA GLN F 143 2.13 -29.26 -0.13
C GLN F 143 3.36 -28.98 0.72
N ILE F 144 4.33 -28.26 0.17
CA ILE F 144 5.47 -27.78 0.96
C ILE F 144 5.03 -26.66 1.89
N ALA F 145 5.18 -26.89 3.19
CA ALA F 145 4.69 -25.95 4.21
C ALA F 145 5.58 -26.06 5.44
N LEU F 146 6.12 -24.94 5.88
CA LEU F 146 7.18 -24.97 6.87
C LEU F 146 6.94 -23.98 8.00
N ARG F 147 7.13 -24.47 9.24
CA ARG F 147 7.15 -23.67 10.45
C ARG F 147 8.39 -24.08 11.21
N MET F 148 9.16 -23.12 11.73
CA MET F 148 10.43 -23.54 12.29
C MET F 148 11.03 -22.70 13.41
N GLU F 149 12.05 -23.28 14.03
CA GLU F 149 12.86 -22.64 15.05
C GLU F 149 14.28 -23.12 14.82
N VAL F 150 15.26 -22.36 15.29
CA VAL F 150 16.64 -22.74 15.14
C VAL F 150 17.28 -22.68 16.52
N LEU F 151 18.08 -23.70 16.83
CA LEU F 151 18.68 -23.82 18.15
C LEU F 151 20.17 -23.49 18.11
N GLY F 152 20.67 -22.85 19.15
CA GLY F 152 22.05 -22.42 19.19
C GLY F 152 22.34 -21.43 20.29
N CYS F 153 23.27 -20.52 20.05
CA CYS F 153 23.65 -19.50 21.03
C CYS F 153 24.72 -18.57 20.47
N GLU F 154 25.24 -17.70 21.31
CA GLU F 154 26.32 -16.78 20.94
C GLU F 154 27.64 -17.51 20.71
#